data_4KFT
#
_entry.id   4KFT
#
_cell.length_a   46.726
_cell.length_b   65.185
_cell.length_c   71.620
_cell.angle_alpha   90.55
_cell.angle_beta   93.65
_cell.angle_gamma   91.59
#
_symmetry.space_group_name_H-M   'P 1'
#
loop_
_entity.id
_entity.type
_entity.pdbx_description
1 polymer 'Genome packaging NTPase B204'
2 non-polymer 'PHOSPHOTHIOPHOSPHORIC ACID-ADENYLATE ESTER'
3 non-polymer 'MAGNESIUM ION'
4 non-polymer 'CHLORIDE ION'
5 non-polymer 'CITRATE ANION'
6 non-polymer 'ZINC ION'
7 water water
#
_entity_poly.entity_id   1
_entity_poly.type   'polypeptide(L)'
_entity_poly.pdbx_seq_one_letter_code
;MNPDDIVVLVGRKKSGKSYLIKHYFIPVLKAHKISYIIDDHNLLRSGSEYSKFGYNATSLSDIVSKQYVVVYDRAKNDDF
FEKLWQASKLHSKKYGTTVLIIDEAYYHFKYKQKVTPAIDEALHANRHAGLGLILSTQRVYDLMPIVYKQADLIIMFYTR
EPNELRWISKYISAEAAEKVKTLKQYHFLIYDVNSQTIKIHKPILEHHHHHH
;
_entity_poly.pdbx_strand_id   A,B,C,D
#
# COMPACT_ATOMS: atom_id res chain seq x y z
N MET A 1 2.61 -9.31 16.39
CA MET A 1 1.28 -8.71 16.43
C MET A 1 1.30 -7.21 16.74
N ASN A 2 0.90 -6.40 15.76
CA ASN A 2 0.65 -4.99 16.01
C ASN A 2 -0.56 -4.90 16.92
N PRO A 3 -0.63 -3.86 17.77
CA PRO A 3 -1.69 -3.83 18.79
C PRO A 3 -3.09 -3.81 18.17
N ASP A 4 -3.22 -3.31 16.94
CA ASP A 4 -4.51 -3.32 16.29
C ASP A 4 -4.65 -4.37 15.15
N ASP A 5 -3.78 -5.37 15.16
CA ASP A 5 -3.87 -6.52 14.25
C ASP A 5 -5.06 -7.42 14.57
N ILE A 6 -5.57 -8.09 13.55
CA ILE A 6 -6.47 -9.22 13.76
C ILE A 6 -5.66 -10.52 13.66
N VAL A 7 -5.70 -11.33 14.71
CA VAL A 7 -4.94 -12.59 14.79
C VAL A 7 -5.95 -13.73 14.97
N VAL A 8 -5.83 -14.76 14.16
CA VAL A 8 -6.69 -15.91 14.34
C VAL A 8 -5.84 -17.10 14.77
N LEU A 9 -6.37 -17.87 15.74
CA LEU A 9 -5.72 -19.03 16.31
C LEU A 9 -6.57 -20.24 15.99
N VAL A 10 -5.97 -21.27 15.40
CA VAL A 10 -6.73 -22.42 14.94
C VAL A 10 -6.08 -23.73 15.37
N GLY A 11 -6.85 -24.58 16.05
CA GLY A 11 -6.37 -25.90 16.44
C GLY A 11 -7.35 -26.60 17.36
N ARG A 12 -7.44 -27.92 17.20
CA ARG A 12 -8.25 -28.78 18.05
C ARG A 12 -7.99 -28.53 19.55
N LYS A 13 -8.96 -28.86 20.39
CA LYS A 13 -8.83 -28.66 21.83
C LYS A 13 -7.61 -29.41 22.33
N LYS A 14 -6.87 -28.78 23.24
CA LYS A 14 -5.61 -29.28 23.80
C LYS A 14 -4.39 -29.07 22.93
N SER A 15 -4.53 -28.42 21.78
CA SER A 15 -3.34 -28.18 20.96
C SER A 15 -2.44 -27.04 21.45
N GLY A 16 -3.00 -26.13 22.25
CA GLY A 16 -2.20 -25.10 22.89
C GLY A 16 -2.59 -23.66 22.62
N LYS A 17 -3.84 -23.43 22.21
CA LYS A 17 -4.28 -22.08 21.87
C LYS A 17 -4.26 -21.14 23.07
N SER A 18 -4.82 -21.60 24.19
CA SER A 18 -4.90 -20.75 25.38
C SER A 18 -3.53 -20.51 26.00
N TYR A 19 -2.68 -21.54 25.94
CA TYR A 19 -1.29 -21.40 26.36
C TYR A 19 -0.54 -20.29 25.65
N LEU A 20 -0.68 -20.25 24.32
CA LEU A 20 -0.12 -19.19 23.48
C LEU A 20 -0.62 -17.81 23.91
N ILE A 21 -1.91 -17.71 24.21
CA ILE A 21 -2.46 -16.45 24.67
C ILE A 21 -1.83 -16.08 26.02
N LYS A 22 -1.88 -17.01 26.96
CA LYS A 22 -1.39 -16.78 28.31
C LYS A 22 0.11 -16.55 28.35
N HIS A 23 0.86 -17.18 27.45
CA HIS A 23 2.31 -17.17 27.63
C HIS A 23 3.12 -16.50 26.54
N TYR A 24 2.44 -16.05 25.50
CA TYR A 24 3.12 -15.47 24.37
C TYR A 24 2.51 -14.08 24.08
N PHE A 25 1.19 -14.02 23.93
CA PHE A 25 0.53 -12.76 23.58
C PHE A 25 0.38 -11.82 24.76
N ILE A 26 -0.18 -12.34 25.85
CA ILE A 26 -0.40 -11.49 27.02
C ILE A 26 0.89 -10.85 27.56
N PRO A 27 1.94 -11.66 27.83
CA PRO A 27 3.18 -11.04 28.31
C PRO A 27 3.78 -9.97 27.40
N VAL A 28 3.77 -10.16 26.08
CA VAL A 28 4.28 -9.15 25.15
C VAL A 28 3.39 -7.90 25.09
N LEU A 29 2.08 -8.09 25.19
CA LEU A 29 1.15 -6.97 25.30
C LEU A 29 1.49 -6.16 26.54
N LYS A 30 1.68 -6.86 27.65
CA LYS A 30 1.93 -6.20 28.92
C LYS A 30 3.21 -5.39 28.88
N ALA A 31 4.24 -5.97 28.26
CA ALA A 31 5.55 -5.34 28.17
C ALA A 31 5.55 -4.04 27.37
N HIS A 32 4.64 -3.93 26.41
CA HIS A 32 4.52 -2.72 25.62
C HIS A 32 3.52 -1.74 26.23
N LYS A 33 2.89 -2.16 27.33
CA LYS A 33 1.83 -1.39 27.96
C LYS A 33 0.59 -1.28 27.04
N ILE A 34 0.25 -2.40 26.43
CA ILE A 34 -0.94 -2.52 25.60
C ILE A 34 -2.04 -3.19 26.41
N SER A 35 -3.17 -2.50 26.52
CA SER A 35 -4.33 -2.96 27.26
C SER A 35 -4.97 -4.16 26.57
N TYR A 36 -5.73 -4.96 27.31
CA TYR A 36 -6.51 -6.04 26.73
C TYR A 36 -7.78 -6.35 27.51
N ILE A 37 -8.71 -6.96 26.79
CA ILE A 37 -9.98 -7.37 27.35
C ILE A 37 -10.15 -8.80 26.90
N ILE A 38 -10.31 -9.73 27.85
CA ILE A 38 -10.47 -11.13 27.51
C ILE A 38 -11.93 -11.52 27.63
N ASP A 39 -12.50 -12.01 26.54
CA ASP A 39 -13.88 -12.47 26.51
C ASP A 39 -13.88 -13.99 26.59
N ASP A 40 -14.08 -14.51 27.80
CA ASP A 40 -14.03 -15.95 28.03
C ASP A 40 -15.43 -16.53 28.11
N HIS A 41 -15.73 -17.50 27.24
CA HIS A 41 -17.03 -18.12 27.27
C HIS A 41 -17.00 -19.54 27.88
N ASN A 42 -15.91 -19.88 28.56
CA ASN A 42 -15.77 -21.18 29.22
C ASN A 42 -15.21 -21.08 30.64
N SER A 48 -12.52 -18.97 36.78
CA SER A 48 -12.43 -19.35 35.37
C SER A 48 -10.98 -19.37 34.88
N GLU A 49 -10.80 -19.86 33.64
CA GLU A 49 -9.48 -20.15 33.07
C GLU A 49 -8.52 -18.95 33.01
N TYR A 50 -9.06 -17.76 32.79
CA TYR A 50 -8.23 -16.56 32.69
C TYR A 50 -8.33 -15.64 33.94
N SER A 51 -9.07 -16.08 34.97
CA SER A 51 -9.28 -15.31 36.21
C SER A 51 -8.11 -14.49 36.72
N LYS A 52 -6.89 -14.98 36.52
CA LYS A 52 -5.73 -14.31 37.09
C LYS A 52 -5.03 -13.36 36.11
N PHE A 53 -5.63 -13.11 34.95
CA PHE A 53 -4.98 -12.25 33.96
C PHE A 53 -5.53 -10.82 33.84
N GLY A 54 -6.60 -10.51 34.57
CA GLY A 54 -7.15 -9.17 34.62
C GLY A 54 -8.23 -9.00 35.67
N TYR A 55 -8.72 -7.77 35.84
CA TYR A 55 -9.83 -7.52 36.74
C TYR A 55 -11.03 -8.33 36.27
N ASN A 56 -11.64 -9.06 37.19
CA ASN A 56 -12.80 -9.87 36.84
C ASN A 56 -14.09 -9.03 36.88
N ALA A 57 -14.65 -8.78 35.70
CA ALA A 57 -15.67 -7.74 35.56
C ALA A 57 -17.07 -8.20 35.93
N THR A 58 -17.80 -7.34 36.63
CA THR A 58 -19.19 -7.63 37.00
C THR A 58 -20.22 -6.76 36.24
N SER A 59 -19.71 -5.81 35.44
CA SER A 59 -20.57 -4.85 34.74
C SER A 59 -19.88 -4.29 33.51
N LEU A 60 -20.65 -3.59 32.68
CA LEU A 60 -20.08 -2.95 31.50
C LEU A 60 -19.08 -1.85 31.87
N SER A 61 -19.37 -1.13 32.96
CA SER A 61 -18.46 -0.08 33.45
C SER A 61 -17.07 -0.60 33.78
N ASP A 62 -16.98 -1.79 34.36
CA ASP A 62 -15.69 -2.43 34.65
C ASP A 62 -14.89 -2.67 33.37
N ILE A 63 -15.59 -3.04 32.31
CA ILE A 63 -14.92 -3.30 31.04
C ILE A 63 -14.25 -2.03 30.58
N VAL A 64 -14.96 -0.92 30.72
CA VAL A 64 -14.45 0.35 30.24
C VAL A 64 -13.30 0.87 31.09
N SER A 65 -13.44 0.78 32.41
CA SER A 65 -12.50 1.44 33.32
C SER A 65 -11.24 0.66 33.70
N LYS A 66 -11.33 -0.66 33.82
CA LYS A 66 -10.17 -1.49 34.22
C LYS A 66 -9.22 -1.73 33.05
N GLN A 67 -7.93 -1.53 33.29
CA GLN A 67 -6.90 -1.64 32.26
C GLN A 67 -6.71 -3.04 31.66
N TYR A 68 -6.72 -4.05 32.51
CA TYR A 68 -6.63 -5.43 32.06
C TYR A 68 -7.85 -6.11 32.63
N VAL A 69 -8.70 -6.68 31.78
CA VAL A 69 -9.99 -7.12 32.27
C VAL A 69 -10.48 -8.39 31.61
N VAL A 70 -11.09 -9.26 32.42
CA VAL A 70 -11.73 -10.49 31.96
C VAL A 70 -13.24 -10.38 32.12
N VAL A 71 -13.96 -10.84 31.10
CA VAL A 71 -15.41 -10.74 31.00
C VAL A 71 -15.95 -12.15 30.82
N TYR A 72 -16.92 -12.55 31.64
CA TYR A 72 -17.46 -13.89 31.56
C TYR A 72 -18.74 -13.95 30.73
N ASP A 73 -18.60 -14.19 29.43
CA ASP A 73 -19.77 -14.30 28.55
C ASP A 73 -20.15 -15.77 28.35
N ASP A 79 -26.76 -10.35 21.24
CA ASP A 79 -27.11 -9.17 22.03
C ASP A 79 -25.90 -8.68 22.81
N PHE A 80 -25.12 -9.63 23.31
CA PHE A 80 -24.02 -9.24 24.17
C PHE A 80 -22.83 -8.73 23.37
N PHE A 81 -22.60 -9.27 22.18
CA PHE A 81 -21.45 -8.80 21.42
C PHE A 81 -21.49 -7.31 21.13
N GLU A 82 -22.65 -6.77 20.79
CA GLU A 82 -22.75 -5.34 20.52
C GLU A 82 -22.45 -4.54 21.79
N LYS A 83 -22.89 -5.06 22.93
CA LYS A 83 -22.64 -4.38 24.21
C LYS A 83 -21.16 -4.41 24.54
N LEU A 84 -20.59 -5.61 24.48
CA LEU A 84 -19.15 -5.83 24.66
C LEU A 84 -18.35 -4.94 23.70
N TRP A 85 -18.74 -4.92 22.43
CA TRP A 85 -18.05 -4.11 21.44
C TRP A 85 -18.14 -2.60 21.74
N GLN A 86 -19.31 -2.11 22.10
CA GLN A 86 -19.43 -0.70 22.50
C GLN A 86 -18.57 -0.37 23.73
N ALA A 87 -18.57 -1.27 24.69
CA ALA A 87 -17.78 -1.07 25.89
C ALA A 87 -16.29 -1.06 25.58
N SER A 88 -15.86 -1.93 24.68
CA SER A 88 -14.45 -2.01 24.29
C SER A 88 -13.96 -0.73 23.61
N LYS A 89 -14.77 -0.19 22.70
CA LYS A 89 -14.51 1.11 22.07
C LYS A 89 -14.31 2.22 23.11
N LEU A 90 -15.18 2.29 24.12
CA LEU A 90 -15.01 3.26 25.22
C LEU A 90 -13.74 2.98 26.05
N HIS A 91 -13.45 1.71 26.31
CA HIS A 91 -12.18 1.27 26.93
C HIS A 91 -10.96 1.79 26.15
N SER A 92 -10.99 1.58 24.84
CA SER A 92 -9.89 2.01 23.99
C SER A 92 -9.69 3.52 24.01
N LYS A 93 -10.77 4.28 24.14
CA LYS A 93 -10.65 5.74 24.19
C LYS A 93 -9.95 6.17 25.47
N LYS A 94 -10.07 5.35 26.50
CA LYS A 94 -9.43 5.65 27.78
C LYS A 94 -7.99 5.17 27.83
N TYR A 95 -7.71 4.02 27.22
CA TYR A 95 -6.38 3.39 27.38
C TYR A 95 -5.52 3.30 26.12
N GLY A 96 -5.98 3.84 25.00
CA GLY A 96 -5.25 3.70 23.75
C GLY A 96 -5.56 2.36 23.14
N THR A 97 -4.83 1.97 22.09
CA THR A 97 -5.15 0.72 21.36
C THR A 97 -5.18 -0.49 22.29
N THR A 98 -6.23 -1.28 22.15
CA THR A 98 -6.53 -2.35 23.08
C THR A 98 -6.71 -3.64 22.29
N VAL A 99 -6.30 -4.77 22.83
CA VAL A 99 -6.58 -6.02 22.16
C VAL A 99 -7.77 -6.74 22.78
N LEU A 100 -8.81 -6.97 21.97
CA LEU A 100 -9.95 -7.76 22.39
C LEU A 100 -9.66 -9.24 22.07
N ILE A 101 -9.53 -10.03 23.13
CA ILE A 101 -9.23 -11.44 23.01
C ILE A 101 -10.48 -12.27 23.23
N ILE A 102 -10.86 -13.07 22.23
CA ILE A 102 -12.09 -13.85 22.28
C ILE A 102 -11.82 -15.34 22.16
N ASP A 103 -11.80 -16.08 23.27
CA ASP A 103 -11.37 -17.48 23.22
CA ASP A 103 -11.38 -17.48 23.24
C ASP A 103 -12.43 -18.43 22.63
N GLU A 104 -13.52 -17.88 22.12
CA GLU A 104 -14.48 -18.73 21.44
C GLU A 104 -15.16 -17.98 20.29
N ALA A 105 -14.37 -17.62 19.29
CA ALA A 105 -14.89 -16.89 18.17
C ALA A 105 -16.03 -17.63 17.44
N TYR A 106 -16.21 -18.91 17.76
CA TYR A 106 -17.29 -19.71 17.18
C TYR A 106 -18.71 -19.17 17.44
N TYR A 107 -18.88 -18.31 18.44
CA TYR A 107 -20.22 -17.84 18.77
C TYR A 107 -20.68 -16.58 18.01
N HIS A 108 -19.75 -15.70 17.70
CA HIS A 108 -20.10 -14.42 17.07
C HIS A 108 -19.64 -14.34 15.60
N PHE A 109 -18.73 -15.22 15.21
CA PHE A 109 -18.10 -15.14 13.90
C PHE A 109 -18.31 -16.43 13.13
N LYS A 110 -19.32 -17.20 13.52
CA LYS A 110 -19.54 -18.54 13.00
C LYS A 110 -19.76 -18.58 11.48
N TYR A 111 -19.30 -19.66 10.84
CA TYR A 111 -19.51 -19.83 9.41
C TYR A 111 -20.99 -19.87 9.06
N LYS A 112 -21.37 -19.05 8.07
CA LYS A 112 -22.74 -18.96 7.54
C LYS A 112 -23.69 -18.09 8.37
N GLN A 113 -23.14 -17.41 9.37
CA GLN A 113 -23.91 -16.48 10.20
C GLN A 113 -24.01 -15.13 9.52
N LYS A 114 -25.01 -14.34 9.89
CA LYS A 114 -25.13 -12.97 9.41
C LYS A 114 -24.01 -12.12 10.00
N VAL A 115 -23.86 -10.92 9.48
CA VAL A 115 -22.88 -9.99 9.98
C VAL A 115 -23.57 -8.71 10.41
N THR A 116 -23.62 -8.49 11.73
CA THR A 116 -24.14 -7.25 12.30
C THR A 116 -23.13 -6.14 12.05
N PRO A 117 -23.57 -4.87 12.20
CA PRO A 117 -22.67 -3.71 12.12
C PRO A 117 -21.46 -3.80 13.03
N ALA A 118 -21.60 -4.39 14.22
CA ALA A 118 -20.50 -4.49 15.18
C ALA A 118 -19.45 -5.50 14.75
N ILE A 119 -19.91 -6.67 14.33
CA ILE A 119 -19.03 -7.70 13.76
C ILE A 119 -18.29 -7.14 12.52
N ASP A 120 -19.01 -6.38 11.70
CA ASP A 120 -18.43 -5.79 10.51
C ASP A 120 -17.33 -4.82 10.89
N GLU A 121 -17.61 -3.99 11.90
CA GLU A 121 -16.64 -3.03 12.44
C GLU A 121 -15.40 -3.73 12.96
N ALA A 122 -15.62 -4.82 13.69
CA ALA A 122 -14.51 -5.58 14.27
C ALA A 122 -13.64 -6.22 13.20
N LEU A 123 -14.23 -6.55 12.04
CA LEU A 123 -13.47 -7.18 10.96
C LEU A 123 -12.81 -6.19 9.99
N HIS A 124 -13.37 -4.99 9.88
CA HIS A 124 -12.94 -4.04 8.86
C HIS A 124 -12.51 -2.69 9.38
N ALA A 125 -12.82 -2.37 10.64
CA ALA A 125 -12.55 -1.03 11.15
C ALA A 125 -11.79 -1.02 12.48
N ASN A 126 -11.02 -2.09 12.73
CA ASN A 126 -10.19 -2.25 13.94
C ASN A 126 -9.42 -1.03 14.31
N ARG A 127 -8.57 -0.60 13.39
CA ARG A 127 -7.64 0.50 13.63
C ARG A 127 -8.40 1.74 14.04
N HIS A 128 -9.49 2.01 13.33
CA HIS A 128 -10.32 3.17 13.58
C HIS A 128 -10.97 3.11 14.97
N ALA A 129 -11.33 1.91 15.41
CA ALA A 129 -11.95 1.73 16.73
C ALA A 129 -10.89 1.55 17.82
N GLY A 130 -9.63 1.52 17.42
CA GLY A 130 -8.52 1.37 18.35
C GLY A 130 -8.53 0.02 19.05
N LEU A 131 -8.89 -1.02 18.31
CA LEU A 131 -9.04 -2.34 18.89
C LEU A 131 -8.43 -3.41 17.99
N GLY A 132 -7.47 -4.14 18.52
CA GLY A 132 -6.98 -5.34 17.89
C GLY A 132 -7.88 -6.50 18.29
N LEU A 133 -7.71 -7.62 17.63
CA LEU A 133 -8.58 -8.75 17.88
C LEU A 133 -7.71 -10.00 17.95
N ILE A 134 -7.98 -10.88 18.90
CA ILE A 134 -7.47 -12.24 18.81
C ILE A 134 -8.63 -13.20 18.86
N LEU A 135 -8.87 -13.90 17.76
CA LEU A 135 -9.96 -14.86 17.72
C LEU A 135 -9.42 -16.28 17.81
N SER A 136 -10.11 -17.12 18.57
CA SER A 136 -9.66 -18.48 18.81
C SER A 136 -10.71 -19.47 18.33
N THR A 137 -10.30 -20.51 17.63
CA THR A 137 -11.26 -21.49 17.11
C THR A 137 -10.66 -22.89 17.04
N GLN A 138 -11.49 -23.91 17.15
CA GLN A 138 -11.01 -25.31 17.16
C GLN A 138 -10.84 -25.92 15.76
N ARG A 139 -11.74 -25.58 14.85
CA ARG A 139 -11.67 -26.04 13.47
C ARG A 139 -11.66 -24.82 12.54
N VAL A 140 -10.91 -24.87 11.45
CA VAL A 140 -10.81 -23.76 10.50
C VAL A 140 -12.19 -23.41 9.88
N TYR A 141 -13.00 -24.44 9.61
CA TYR A 141 -14.30 -24.25 8.99
C TYR A 141 -15.42 -23.82 9.97
N ASP A 142 -15.08 -23.51 11.22
CA ASP A 142 -16.03 -22.93 12.20
C ASP A 142 -16.35 -21.44 11.95
N LEU A 143 -15.38 -20.71 11.43
CA LEU A 143 -15.45 -19.26 11.28
C LEU A 143 -15.76 -18.89 9.83
N MET A 144 -16.29 -17.69 9.62
CA MET A 144 -16.59 -17.19 8.27
C MET A 144 -15.30 -17.08 7.51
N PRO A 145 -15.30 -17.48 6.22
CA PRO A 145 -14.10 -17.29 5.39
C PRO A 145 -13.64 -15.85 5.38
N ILE A 146 -14.55 -14.89 5.53
CA ILE A 146 -14.10 -13.50 5.55
C ILE A 146 -13.22 -13.15 6.77
N VAL A 147 -13.30 -13.94 7.84
CA VAL A 147 -12.37 -13.75 8.96
C VAL A 147 -10.92 -14.02 8.52
N TYR A 148 -10.70 -15.12 7.79
CA TYR A 148 -9.38 -15.39 7.19
C TYR A 148 -8.90 -14.33 6.18
N LYS A 149 -9.78 -13.78 5.34
CA LYS A 149 -9.38 -12.68 4.47
C LYS A 149 -8.99 -11.42 5.25
N GLN A 150 -9.72 -11.10 6.31
CA GLN A 150 -9.49 -9.84 7.03
C GLN A 150 -8.31 -9.92 8.04
N ALA A 151 -7.89 -11.13 8.37
CA ALA A 151 -6.86 -11.34 9.38
C ALA A 151 -5.49 -10.83 8.94
N ASP A 152 -4.65 -10.45 9.88
CA ASP A 152 -3.29 -10.05 9.58
C ASP A 152 -2.29 -11.17 9.82
N LEU A 153 -2.60 -12.01 10.80
CA LEU A 153 -1.78 -13.14 11.18
C LEU A 153 -2.70 -14.31 11.48
N ILE A 154 -2.44 -15.44 10.84
CA ILE A 154 -3.19 -16.65 11.15
C ILE A 154 -2.24 -17.70 11.71
N ILE A 155 -2.59 -18.24 12.86
CA ILE A 155 -1.77 -19.24 13.53
C ILE A 155 -2.49 -20.56 13.60
N MET A 156 -1.83 -21.61 13.15
CA MET A 156 -2.41 -22.94 13.06
C MET A 156 -1.54 -24.03 13.74
N PHE A 157 -2.19 -24.88 14.54
CA PHE A 157 -1.57 -26.12 15.04
C PHE A 157 -1.87 -27.27 14.09
N TYR A 158 -1.26 -28.42 14.36
CA TYR A 158 -1.40 -29.62 13.55
C TYR A 158 -2.84 -29.97 13.19
N THR A 159 -3.05 -30.35 11.93
CA THR A 159 -4.28 -31.02 11.53
C THR A 159 -4.11 -31.73 10.21
N ARG A 160 -4.85 -32.81 10.04
CA ARG A 160 -4.89 -33.53 8.78
C ARG A 160 -6.31 -33.86 8.42
N GLU A 161 -7.26 -33.17 9.04
CA GLU A 161 -8.65 -33.38 8.71
C GLU A 161 -8.88 -32.82 7.29
N PRO A 162 -9.32 -33.67 6.37
CA PRO A 162 -9.30 -33.29 4.94
C PRO A 162 -10.14 -32.04 4.60
N ASN A 163 -11.30 -31.87 5.22
CA ASN A 163 -12.06 -30.62 5.06
C ASN A 163 -11.28 -29.39 5.58
N GLU A 164 -10.52 -29.57 6.65
CA GLU A 164 -9.75 -28.45 7.17
C GLU A 164 -8.63 -28.09 6.20
N LEU A 165 -7.95 -29.10 5.67
CA LEU A 165 -6.91 -28.86 4.66
C LEU A 165 -7.47 -28.10 3.44
N ARG A 166 -8.63 -28.51 2.95
CA ARG A 166 -9.27 -27.81 1.82
C ARG A 166 -9.53 -26.33 2.13
N TRP A 167 -10.07 -26.03 3.31
CA TRP A 167 -10.32 -24.65 3.71
C TRP A 167 -9.05 -23.81 3.81
N ILE A 168 -8.01 -24.37 4.45
CA ILE A 168 -6.70 -23.72 4.53
C ILE A 168 -6.15 -23.44 3.13
N SER A 169 -6.24 -24.42 2.24
CA SER A 169 -5.74 -24.25 0.89
C SER A 169 -6.49 -23.15 0.11
N LYS A 170 -7.82 -23.18 0.15
CA LYS A 170 -8.67 -22.20 -0.54
C LYS A 170 -8.66 -20.76 0.03
N TYR A 171 -8.65 -20.62 1.35
CA TYR A 171 -8.79 -19.29 1.96
C TYR A 171 -7.52 -18.74 2.58
N ILE A 172 -6.49 -19.56 2.72
CA ILE A 172 -5.28 -19.11 3.39
C ILE A 172 -4.02 -19.27 2.53
N SER A 173 -3.63 -20.51 2.28
CA SER A 173 -2.38 -20.79 1.56
C SER A 173 -2.25 -22.28 1.29
N ALA A 174 -1.90 -22.64 0.07
CA ALA A 174 -1.72 -24.05 -0.27
C ALA A 174 -0.47 -24.63 0.42
N GLU A 175 0.54 -23.78 0.63
CA GLU A 175 1.76 -24.18 1.31
C GLU A 175 1.49 -24.44 2.79
N ALA A 176 0.63 -23.63 3.40
CA ALA A 176 0.31 -23.77 4.80
C ALA A 176 -0.44 -25.07 4.98
N ALA A 177 -1.32 -25.38 4.04
CA ALA A 177 -2.06 -26.64 4.07
C ALA A 177 -1.12 -27.85 4.04
N GLU A 178 0.02 -27.72 3.35
CA GLU A 178 1.00 -28.79 3.31
C GLU A 178 1.73 -28.87 4.63
N LYS A 179 2.24 -27.74 5.08
CA LYS A 179 3.07 -27.71 6.27
C LYS A 179 2.32 -27.97 7.58
N VAL A 180 1.02 -27.72 7.59
CA VAL A 180 0.21 -27.92 8.79
C VAL A 180 0.17 -29.40 9.18
N LYS A 181 0.33 -30.28 8.21
CA LYS A 181 0.15 -31.71 8.40
C LYS A 181 1.30 -32.36 9.18
N THR A 182 2.40 -31.65 9.34
CA THR A 182 3.57 -32.24 9.95
C THR A 182 4.01 -31.58 11.26
N LEU A 183 3.21 -30.65 11.79
CA LEU A 183 3.60 -29.99 13.05
C LEU A 183 3.62 -30.96 14.22
N LYS A 184 4.69 -30.91 15.00
CA LYS A 184 4.76 -31.71 16.22
C LYS A 184 3.95 -31.04 17.33
N GLN A 185 3.77 -31.73 18.45
CA GLN A 185 2.97 -31.17 19.54
C GLN A 185 3.45 -29.79 19.96
N TYR A 186 2.50 -28.86 20.06
CA TYR A 186 2.73 -27.48 20.51
C TYR A 186 3.53 -26.65 19.54
N HIS A 187 3.98 -27.25 18.43
CA HIS A 187 4.58 -26.49 17.33
C HIS A 187 3.43 -25.84 16.57
N PHE A 188 3.68 -24.66 15.99
CA PHE A 188 2.64 -23.95 15.27
C PHE A 188 3.15 -23.15 14.07
N LEU A 189 2.34 -23.13 13.03
CA LEU A 189 2.64 -22.40 11.82
C LEU A 189 2.10 -20.99 11.97
N ILE A 190 2.92 -19.99 11.64
CA ILE A 190 2.43 -18.61 11.56
C ILE A 190 2.30 -18.20 10.10
N TYR A 191 1.15 -17.67 9.71
CA TYR A 191 0.97 -17.15 8.35
C TYR A 191 0.68 -15.66 8.36
N ASP A 192 1.62 -14.88 7.86
CA ASP A 192 1.44 -13.46 7.73
C ASP A 192 0.60 -13.21 6.49
N VAL A 193 -0.66 -12.82 6.69
CA VAL A 193 -1.59 -12.65 5.59
C VAL A 193 -1.12 -11.56 4.64
N ASN A 194 -0.48 -10.53 5.17
CA ASN A 194 -0.12 -9.39 4.34
C ASN A 194 1.14 -9.63 3.51
N SER A 195 2.18 -10.16 4.16
CA SER A 195 3.44 -10.43 3.47
C SER A 195 3.43 -11.79 2.79
N GLN A 196 2.43 -12.61 3.09
CA GLN A 196 2.30 -13.96 2.53
C GLN A 196 3.43 -14.93 2.90
N THR A 197 4.10 -14.70 4.01
CA THR A 197 5.15 -15.61 4.46
C THR A 197 4.65 -16.67 5.45
N ILE A 198 5.48 -17.68 5.68
CA ILE A 198 5.19 -18.76 6.62
C ILE A 198 6.38 -19.06 7.52
N LYS A 199 6.20 -18.99 8.84
CA LYS A 199 7.21 -19.46 9.79
C LYS A 199 6.69 -20.70 10.49
N ILE A 200 7.58 -21.64 10.79
CA ILE A 200 7.24 -22.74 11.67
C ILE A 200 7.86 -22.48 13.03
N HIS A 201 7.04 -22.18 14.03
CA HIS A 201 7.53 -21.80 15.35
C HIS A 201 7.61 -23.04 16.27
N LYS A 202 8.71 -23.15 17.01
CA LYS A 202 8.83 -24.18 18.06
C LYS A 202 7.86 -23.86 19.19
N PRO A 203 7.62 -24.83 20.09
CA PRO A 203 6.75 -24.55 21.23
C PRO A 203 7.23 -23.38 22.06
N ILE A 204 6.28 -22.60 22.55
CA ILE A 204 6.55 -21.57 23.55
C ILE A 204 7.14 -22.17 24.85
N LEU A 205 8.10 -21.49 25.47
CA LEU A 205 8.57 -21.89 26.79
C LEU A 205 7.83 -21.24 27.97
N MET B 1 -21.26 13.11 -6.59
CA MET B 1 -21.49 11.78 -7.16
C MET B 1 -20.23 11.25 -7.85
N ASN B 2 -19.82 10.03 -7.47
CA ASN B 2 -18.62 9.44 -7.99
C ASN B 2 -18.97 8.19 -8.76
N PRO B 3 -18.16 7.85 -9.77
CA PRO B 3 -18.49 6.68 -10.60
C PRO B 3 -18.34 5.35 -9.84
N ASP B 4 -17.48 5.31 -8.84
CA ASP B 4 -17.36 4.10 -8.04
C ASP B 4 -18.07 4.15 -6.69
N ASP B 5 -19.09 5.01 -6.56
CA ASP B 5 -19.90 5.07 -5.35
C ASP B 5 -20.79 3.86 -5.19
N ILE B 6 -21.17 3.57 -3.95
CA ILE B 6 -22.28 2.66 -3.70
C ILE B 6 -23.57 3.46 -3.48
N VAL B 7 -24.58 3.15 -4.29
CA VAL B 7 -25.86 3.84 -4.20
C VAL B 7 -26.95 2.83 -3.92
N VAL B 8 -27.81 3.14 -2.95
CA VAL B 8 -28.93 2.28 -2.63
C VAL B 8 -30.26 3.02 -2.87
N LEU B 9 -31.14 2.38 -3.62
CA LEU B 9 -32.44 2.95 -3.96
C LEU B 9 -33.47 2.18 -3.19
N VAL B 10 -34.30 2.89 -2.41
CA VAL B 10 -35.32 2.24 -1.62
C VAL B 10 -36.71 2.84 -1.88
N GLY B 11 -37.69 1.99 -2.21
CA GLY B 11 -39.05 2.44 -2.48
C GLY B 11 -39.93 1.26 -2.90
N ARG B 12 -41.15 1.22 -2.38
CA ARG B 12 -42.07 0.14 -2.72
C ARG B 12 -42.40 0.16 -4.22
N LYS B 13 -42.95 -0.95 -4.70
CA LYS B 13 -43.27 -1.07 -6.13
C LYS B 13 -44.04 0.15 -6.63
N LYS B 14 -43.59 0.67 -7.78
CA LYS B 14 -44.15 1.83 -8.48
C LYS B 14 -43.72 3.19 -7.96
N SER B 15 -42.72 3.22 -7.09
CA SER B 15 -42.24 4.49 -6.53
C SER B 15 -41.52 5.29 -7.61
N GLY B 16 -40.86 4.58 -8.52
CA GLY B 16 -40.01 5.20 -9.52
C GLY B 16 -38.53 4.82 -9.48
N LYS B 17 -38.19 3.69 -8.85
CA LYS B 17 -36.81 3.22 -8.82
C LYS B 17 -36.23 2.93 -10.22
N SER B 18 -36.91 2.06 -10.98
CA SER B 18 -36.44 1.68 -12.31
C SER B 18 -36.34 2.91 -13.18
N TYR B 19 -37.31 3.80 -13.03
CA TYR B 19 -37.37 5.05 -13.79
C TYR B 19 -36.17 5.95 -13.53
N LEU B 20 -35.69 5.94 -12.29
CA LEU B 20 -34.51 6.69 -11.91
C LEU B 20 -33.25 6.09 -12.58
N ILE B 21 -33.19 4.77 -12.61
CA ILE B 21 -32.12 4.08 -13.32
C ILE B 21 -32.14 4.41 -14.81
N LYS B 22 -33.28 4.13 -15.45
CA LYS B 22 -33.45 4.39 -16.88
C LYS B 22 -33.25 5.84 -17.32
N HIS B 23 -33.75 6.81 -16.57
CA HIS B 23 -33.78 8.19 -17.06
C HIS B 23 -32.88 9.16 -16.30
N TYR B 24 -32.33 8.72 -15.18
CA TYR B 24 -31.29 9.54 -14.57
C TYR B 24 -29.93 8.86 -14.62
N PHE B 25 -29.79 7.69 -14.02
CA PHE B 25 -28.47 7.08 -13.87
C PHE B 25 -27.81 6.60 -15.17
N ILE B 26 -28.50 5.72 -15.92
CA ILE B 26 -27.95 5.19 -17.16
C ILE B 26 -27.48 6.24 -18.18
N PRO B 27 -28.31 7.26 -18.49
CA PRO B 27 -27.82 8.29 -19.42
C PRO B 27 -26.69 9.20 -18.90
N VAL B 28 -26.66 9.52 -17.60
CA VAL B 28 -25.53 10.28 -17.06
C VAL B 28 -24.23 9.46 -17.17
N LEU B 29 -24.34 8.16 -16.96
CA LEU B 29 -23.21 7.25 -17.14
C LEU B 29 -22.78 7.19 -18.61
N LYS B 30 -23.72 7.06 -19.54
CA LYS B 30 -23.35 7.06 -20.94
C LYS B 30 -22.73 8.38 -21.37
N ALA B 31 -23.25 9.48 -20.84
CA ALA B 31 -22.72 10.80 -21.21
C ALA B 31 -21.30 10.99 -20.72
N HIS B 32 -20.89 10.22 -19.72
CA HIS B 32 -19.51 10.26 -19.25
C HIS B 32 -18.70 9.03 -19.73
N LYS B 33 -19.22 8.32 -20.73
CA LYS B 33 -18.57 7.12 -21.27
C LYS B 33 -18.23 6.10 -20.19
N ILE B 34 -19.02 6.06 -19.12
CA ILE B 34 -18.82 5.09 -18.07
C ILE B 34 -19.55 3.79 -18.36
N SER B 35 -18.80 2.70 -18.32
CA SER B 35 -19.32 1.35 -18.52
C SER B 35 -20.38 0.97 -17.46
N TYR B 36 -21.39 0.19 -17.84
CA TYR B 36 -22.28 -0.42 -16.84
C TYR B 36 -22.72 -1.85 -17.16
N ILE B 37 -22.98 -2.59 -16.09
CA ILE B 37 -23.50 -3.96 -16.16
C ILE B 37 -24.81 -4.01 -15.39
N ILE B 38 -25.88 -4.47 -16.04
CA ILE B 38 -27.17 -4.58 -15.37
C ILE B 38 -27.51 -6.04 -15.06
N ASP B 39 -27.68 -6.32 -13.78
CA ASP B 39 -28.14 -7.62 -13.32
C ASP B 39 -29.64 -7.50 -13.07
N ASP B 40 -30.43 -8.20 -13.88
CA ASP B 40 -31.88 -8.15 -13.76
C ASP B 40 -32.44 -9.53 -13.55
N HIS B 41 -33.16 -9.71 -12.45
CA HIS B 41 -33.72 -11.01 -12.14
C HIS B 41 -35.05 -11.19 -12.86
N ASN B 42 -35.92 -10.18 -12.74
CA ASN B 42 -37.12 -10.08 -13.56
C ASN B 42 -37.78 -8.72 -13.39
N SER B 48 -35.44 -8.70 -19.68
CA SER B 48 -36.21 -7.62 -20.27
C SER B 48 -36.12 -6.36 -19.43
N GLU B 49 -37.08 -5.47 -19.61
CA GLU B 49 -37.10 -4.13 -19.00
C GLU B 49 -35.88 -3.27 -19.32
N TYR B 50 -34.70 -3.83 -19.10
CA TYR B 50 -33.46 -3.12 -19.42
C TYR B 50 -32.86 -3.53 -20.78
N SER B 51 -33.49 -4.49 -21.45
CA SER B 51 -33.04 -5.00 -22.77
C SER B 51 -32.44 -4.00 -23.72
N LYS B 52 -32.99 -2.79 -23.75
CA LYS B 52 -32.57 -1.82 -24.75
C LYS B 52 -31.34 -1.02 -24.33
N PHE B 53 -30.84 -1.25 -23.11
CA PHE B 53 -29.73 -0.45 -22.59
C PHE B 53 -28.34 -1.09 -22.73
N GLY B 54 -28.28 -2.26 -23.34
CA GLY B 54 -26.99 -2.87 -23.58
C GLY B 54 -27.09 -4.27 -24.15
N TYR B 55 -25.95 -4.92 -24.36
CA TYR B 55 -25.93 -6.23 -24.95
C TYR B 55 -26.55 -7.25 -24.00
N ASN B 56 -27.48 -8.05 -24.50
CA ASN B 56 -28.12 -9.07 -23.67
C ASN B 56 -27.31 -10.35 -23.53
N ALA B 57 -26.52 -10.44 -22.46
CA ALA B 57 -25.63 -11.59 -22.25
C ALA B 57 -26.33 -12.93 -22.20
N THR B 58 -25.77 -13.91 -22.89
CA THR B 58 -26.19 -15.32 -22.76
C THR B 58 -25.29 -16.07 -21.78
N SER B 59 -24.15 -15.49 -21.46
CA SER B 59 -23.23 -16.10 -20.50
C SER B 59 -22.42 -15.02 -19.83
N LEU B 60 -21.72 -15.38 -18.76
CA LEU B 60 -20.93 -14.39 -18.02
C LEU B 60 -19.70 -13.99 -18.82
N SER B 61 -19.31 -14.82 -19.80
CA SER B 61 -18.23 -14.47 -20.72
C SER B 61 -18.57 -13.15 -21.42
N ASP B 62 -19.84 -12.97 -21.76
CA ASP B 62 -20.29 -11.74 -22.40
C ASP B 62 -20.04 -10.47 -21.55
N ILE B 63 -20.04 -10.63 -20.22
CA ILE B 63 -19.82 -9.48 -19.35
C ILE B 63 -18.44 -8.85 -19.57
N VAL B 64 -17.41 -9.69 -19.64
CA VAL B 64 -16.02 -9.23 -19.79
C VAL B 64 -15.76 -8.58 -21.16
N SER B 65 -16.46 -9.06 -22.19
CA SER B 65 -16.21 -8.59 -23.55
C SER B 65 -17.10 -7.45 -24.04
N LYS B 66 -18.14 -7.09 -23.28
CA LYS B 66 -19.03 -6.01 -23.74
C LYS B 66 -19.04 -4.80 -22.81
N GLN B 67 -19.14 -3.60 -23.37
CA GLN B 67 -19.08 -2.36 -22.60
C GLN B 67 -20.40 -2.02 -21.86
N TYR B 68 -21.51 -2.36 -22.47
CA TYR B 68 -22.81 -2.20 -21.87
C TYR B 68 -23.55 -3.53 -21.98
N VAL B 69 -23.87 -4.12 -20.83
CA VAL B 69 -24.38 -5.49 -20.81
C VAL B 69 -25.55 -5.63 -19.88
N VAL B 70 -26.47 -6.50 -20.26
CA VAL B 70 -27.55 -6.91 -19.37
C VAL B 70 -27.44 -8.41 -19.13
N VAL B 71 -27.56 -8.80 -17.86
CA VAL B 71 -27.51 -10.19 -17.47
C VAL B 71 -28.86 -10.58 -16.90
N TYR B 72 -29.47 -11.64 -17.43
CA TYR B 72 -30.67 -12.20 -16.83
C TYR B 72 -30.26 -13.29 -15.84
N ASP B 73 -30.88 -13.26 -14.66
CA ASP B 73 -30.39 -14.02 -13.52
C ASP B 73 -31.52 -14.76 -12.82
N ASN B 77 -26.90 -20.01 -8.03
CA ASN B 77 -27.48 -20.08 -6.70
C ASN B 77 -26.77 -19.16 -5.72
N ASP B 78 -26.65 -17.89 -6.09
CA ASP B 78 -25.82 -16.89 -5.38
C ASP B 78 -24.32 -17.28 -5.26
N ASP B 79 -24.01 -18.51 -5.67
CA ASP B 79 -22.66 -18.83 -6.10
C ASP B 79 -22.54 -18.11 -7.42
N PHE B 80 -23.69 -17.75 -7.96
CA PHE B 80 -23.77 -16.90 -9.14
C PHE B 80 -23.19 -15.52 -8.87
N PHE B 81 -23.47 -14.97 -7.69
CA PHE B 81 -23.02 -13.61 -7.42
C PHE B 81 -21.50 -13.51 -7.48
N GLU B 82 -20.83 -14.50 -6.88
CA GLU B 82 -19.38 -14.61 -6.92
C GLU B 82 -18.89 -14.62 -8.38
N LYS B 83 -19.58 -15.34 -9.25
CA LYS B 83 -19.16 -15.45 -10.64
C LYS B 83 -19.46 -14.16 -11.39
N LEU B 84 -20.59 -13.54 -11.07
CA LEU B 84 -20.90 -12.21 -11.60
C LEU B 84 -19.87 -11.18 -11.12
N TRP B 85 -19.43 -11.31 -9.86
CA TRP B 85 -18.51 -10.34 -9.28
C TRP B 85 -17.14 -10.49 -9.94
N GLN B 86 -16.69 -11.73 -10.09
CA GLN B 86 -15.43 -11.98 -10.76
C GLN B 86 -15.45 -11.48 -12.21
N ALA B 87 -16.47 -11.87 -12.99
CA ALA B 87 -16.64 -11.36 -14.35
C ALA B 87 -16.60 -9.83 -14.38
N SER B 88 -17.31 -9.17 -13.47
CA SER B 88 -17.40 -7.71 -13.47
C SER B 88 -16.05 -7.05 -13.19
N LYS B 89 -15.26 -7.68 -12.33
CA LYS B 89 -13.92 -7.16 -12.02
C LYS B 89 -12.96 -7.17 -13.24
N LEU B 90 -12.96 -8.24 -14.01
CA LEU B 90 -12.11 -8.29 -15.20
C LEU B 90 -12.61 -7.27 -16.21
N HIS B 91 -13.93 -7.15 -16.27
CA HIS B 91 -14.57 -6.19 -17.16
C HIS B 91 -14.02 -4.79 -16.86
N SER B 92 -13.91 -4.49 -15.58
CA SER B 92 -13.49 -3.16 -15.14
C SER B 92 -12.01 -2.88 -15.43
N LYS B 93 -11.18 -3.92 -15.34
CA LYS B 93 -9.79 -3.79 -15.75
C LYS B 93 -9.74 -3.44 -17.24
N LYS B 94 -10.69 -3.95 -18.00
CA LYS B 94 -10.74 -3.72 -19.43
C LYS B 94 -11.35 -2.36 -19.82
N TYR B 95 -12.46 -1.97 -19.20
CA TYR B 95 -13.18 -0.75 -19.63
C TYR B 95 -13.10 0.41 -18.65
N GLY B 96 -12.30 0.27 -17.60
CA GLY B 96 -12.23 1.31 -16.60
C GLY B 96 -13.37 1.18 -15.60
N THR B 97 -13.51 2.18 -14.74
CA THR B 97 -14.55 2.17 -13.70
C THR B 97 -15.92 1.81 -14.26
N THR B 98 -16.56 0.84 -13.62
CA THR B 98 -17.83 0.34 -14.09
C THR B 98 -18.90 0.34 -12.99
N VAL B 99 -20.14 0.61 -13.37
CA VAL B 99 -21.21 0.54 -12.40
C VAL B 99 -21.99 -0.73 -12.58
N LEU B 100 -21.96 -1.56 -11.55
CA LEU B 100 -22.76 -2.76 -11.48
C LEU B 100 -24.13 -2.45 -10.85
N ILE B 101 -25.19 -2.65 -11.64
CA ILE B 101 -26.54 -2.25 -11.29
C ILE B 101 -27.43 -3.45 -11.04
N ILE B 102 -27.95 -3.55 -9.81
CA ILE B 102 -28.70 -4.73 -9.38
C ILE B 102 -30.14 -4.39 -9.00
N ASP B 103 -31.05 -4.64 -9.94
CA ASP B 103 -32.49 -4.35 -9.84
C ASP B 103 -33.19 -4.93 -8.60
N GLU B 104 -32.76 -6.10 -8.14
CA GLU B 104 -33.34 -6.71 -6.97
C GLU B 104 -32.24 -7.18 -6.03
N ALA B 105 -31.61 -6.22 -5.35
CA ALA B 105 -30.48 -6.52 -4.49
C ALA B 105 -30.81 -7.49 -3.37
N TYR B 106 -32.10 -7.66 -3.09
CA TYR B 106 -32.51 -8.54 -2.00
C TYR B 106 -32.09 -10.00 -2.18
N TYR B 107 -31.86 -10.43 -3.42
CA TYR B 107 -31.42 -11.81 -3.67
C TYR B 107 -29.98 -12.11 -3.20
N HIS B 108 -29.11 -11.11 -3.24
CA HIS B 108 -27.72 -11.31 -2.86
C HIS B 108 -27.34 -10.61 -1.52
N PHE B 109 -28.05 -9.55 -1.15
CA PHE B 109 -27.70 -8.74 0.02
C PHE B 109 -28.77 -8.78 1.11
N LYS B 110 -29.41 -9.93 1.24
CA LYS B 110 -30.61 -10.09 2.04
C LYS B 110 -30.33 -9.95 3.55
N TYR B 111 -31.26 -9.36 4.27
CA TYR B 111 -31.19 -9.31 5.72
C TYR B 111 -31.01 -10.71 6.31
N LYS B 112 -30.12 -10.84 7.29
CA LYS B 112 -29.84 -12.09 8.00
C LYS B 112 -29.10 -13.13 7.16
N GLN B 113 -28.69 -12.74 5.97
CA GLN B 113 -27.96 -13.63 5.08
C GLN B 113 -26.48 -13.65 5.48
N LYS B 114 -25.78 -14.73 5.14
CA LYS B 114 -24.33 -14.78 5.33
C LYS B 114 -23.61 -13.81 4.38
N VAL B 115 -22.38 -13.43 4.72
CA VAL B 115 -21.58 -12.58 3.85
C VAL B 115 -20.38 -13.34 3.27
N THR B 116 -20.47 -13.65 1.99
CA THR B 116 -19.37 -14.31 1.29
C THR B 116 -18.23 -13.33 1.05
N PRO B 117 -17.04 -13.85 0.72
CA PRO B 117 -15.93 -12.96 0.40
C PRO B 117 -16.28 -11.98 -0.74
N ALA B 118 -17.04 -12.45 -1.73
CA ALA B 118 -17.49 -11.60 -2.85
C ALA B 118 -18.39 -10.44 -2.38
N ILE B 119 -19.41 -10.75 -1.59
CA ILE B 119 -20.26 -9.72 -0.97
C ILE B 119 -19.42 -8.75 -0.14
N ASP B 120 -18.50 -9.30 0.67
CA ASP B 120 -17.67 -8.47 1.53
C ASP B 120 -16.80 -7.49 0.74
N GLU B 121 -16.25 -7.95 -0.39
CA GLU B 121 -15.48 -7.07 -1.26
C GLU B 121 -16.34 -5.97 -1.89
N ALA B 122 -17.53 -6.35 -2.34
CA ALA B 122 -18.49 -5.41 -2.89
C ALA B 122 -18.80 -4.29 -1.89
N LEU B 123 -18.96 -4.65 -0.63
CA LEU B 123 -19.32 -3.67 0.40
C LEU B 123 -18.16 -2.88 1.02
N HIS B 124 -16.92 -3.41 0.95
CA HIS B 124 -15.77 -2.75 1.60
C HIS B 124 -14.61 -2.41 0.66
N ALA B 125 -14.51 -3.11 -0.46
CA ALA B 125 -13.39 -2.83 -1.35
C ALA B 125 -13.89 -2.59 -2.78
N ASN B 126 -15.06 -1.97 -2.90
CA ASN B 126 -15.64 -1.78 -4.23
C ASN B 126 -14.78 -0.86 -5.09
N ARG B 127 -14.19 0.18 -4.49
CA ARG B 127 -13.45 1.17 -5.27
C ARG B 127 -12.15 0.59 -5.78
N HIS B 128 -11.52 -0.21 -4.92
CA HIS B 128 -10.31 -0.91 -5.29
C HIS B 128 -10.55 -1.79 -6.51
N ALA B 129 -11.75 -2.35 -6.58
CA ALA B 129 -12.11 -3.26 -7.65
C ALA B 129 -12.56 -2.53 -8.91
N GLY B 130 -12.60 -1.20 -8.88
CA GLY B 130 -13.06 -0.43 -10.03
C GLY B 130 -14.54 -0.61 -10.34
N LEU B 131 -15.36 -0.83 -9.32
CA LEU B 131 -16.78 -1.03 -9.52
C LEU B 131 -17.67 -0.19 -8.62
N GLY B 132 -18.53 0.62 -9.22
CA GLY B 132 -19.61 1.25 -8.49
C GLY B 132 -20.74 0.24 -8.32
N LEU B 133 -21.60 0.47 -7.36
CA LEU B 133 -22.83 -0.31 -7.20
C LEU B 133 -24.06 0.57 -7.14
N ILE B 134 -25.10 0.19 -7.88
CA ILE B 134 -26.45 0.66 -7.58
C ILE B 134 -27.28 -0.52 -7.11
N LEU B 135 -27.82 -0.42 -5.90
CA LEU B 135 -28.66 -1.49 -5.37
C LEU B 135 -30.07 -1.00 -5.10
N SER B 136 -31.04 -1.75 -5.59
CA SER B 136 -32.43 -1.37 -5.44
C SER B 136 -33.20 -2.38 -4.63
N THR B 137 -34.16 -1.88 -3.84
CA THR B 137 -34.97 -2.74 -2.98
C THR B 137 -36.29 -2.06 -2.64
N GLN B 138 -37.31 -2.85 -2.35
CA GLN B 138 -38.64 -2.32 -2.13
C GLN B 138 -38.86 -1.80 -0.70
N ARG B 139 -38.15 -2.38 0.27
CA ARG B 139 -38.31 -1.99 1.67
C ARG B 139 -36.95 -1.96 2.36
N VAL B 140 -36.73 -0.96 3.21
CA VAL B 140 -35.43 -0.78 3.87
C VAL B 140 -35.02 -2.07 4.58
N TYR B 141 -35.95 -2.75 5.20
CA TYR B 141 -35.63 -3.97 5.94
C TYR B 141 -35.36 -5.25 5.08
N ASP B 142 -35.41 -5.15 3.76
CA ASP B 142 -35.04 -6.29 2.92
C ASP B 142 -33.52 -6.56 2.95
N LEU B 143 -32.74 -5.49 3.10
CA LEU B 143 -31.29 -5.60 3.00
C LEU B 143 -30.63 -5.68 4.37
N MET B 144 -29.48 -6.34 4.42
CA MET B 144 -28.69 -6.40 5.65
C MET B 144 -28.23 -5.00 6.03
N PRO B 145 -28.31 -4.65 7.32
CA PRO B 145 -27.96 -3.33 7.85
C PRO B 145 -26.61 -2.80 7.39
N ILE B 146 -25.61 -3.66 7.19
CA ILE B 146 -24.29 -3.18 6.78
C ILE B 146 -24.28 -2.57 5.36
N VAL B 147 -25.26 -2.93 4.54
CA VAL B 147 -25.43 -2.26 3.25
C VAL B 147 -25.56 -0.73 3.45
N TYR B 148 -26.45 -0.30 4.34
CA TYR B 148 -26.64 1.12 4.61
C TYR B 148 -25.43 1.76 5.31
N LYS B 149 -24.72 1.01 6.15
CA LYS B 149 -23.49 1.56 6.74
C LYS B 149 -22.38 1.75 5.70
N GLN B 150 -22.32 0.87 4.71
CA GLN B 150 -21.24 0.90 3.74
C GLN B 150 -21.56 1.75 2.52
N ALA B 151 -22.83 2.06 2.35
CA ALA B 151 -23.26 2.86 1.22
C ALA B 151 -22.62 4.26 1.24
N ASP B 152 -22.61 4.92 0.09
CA ASP B 152 -22.19 6.31 -0.01
C ASP B 152 -23.41 7.22 -0.12
N LEU B 153 -24.40 6.77 -0.88
CA LEU B 153 -25.67 7.48 -1.04
C LEU B 153 -26.84 6.53 -0.81
N ILE B 154 -27.84 6.97 -0.05
CA ILE B 154 -29.07 6.18 0.07
C ILE B 154 -30.21 7.05 -0.45
N ILE B 155 -30.92 6.55 -1.46
CA ILE B 155 -32.05 7.28 -2.05
C ILE B 155 -33.34 6.62 -1.63
N MET B 156 -34.23 7.40 -1.01
CA MET B 156 -35.46 6.86 -0.46
C MET B 156 -36.69 7.55 -1.06
N PHE B 157 -37.68 6.75 -1.45
CA PHE B 157 -38.93 7.31 -1.89
C PHE B 157 -39.87 7.31 -0.68
N TYR B 158 -41.10 7.77 -0.90
CA TYR B 158 -42.06 7.97 0.18
C TYR B 158 -42.36 6.66 0.91
N THR B 159 -42.49 6.75 2.23
CA THR B 159 -43.04 5.65 3.00
C THR B 159 -43.49 6.12 4.37
N ARG B 160 -44.47 5.43 4.92
CA ARG B 160 -44.91 5.69 6.28
C ARG B 160 -45.02 4.38 7.04
N GLU B 161 -44.49 3.31 6.46
CA GLU B 161 -44.52 2.03 7.14
C GLU B 161 -43.63 2.12 8.37
N PRO B 162 -44.21 1.86 9.56
CA PRO B 162 -43.59 2.09 10.87
C PRO B 162 -42.28 1.33 11.06
N ASN B 163 -42.21 0.10 10.57
CA ASN B 163 -40.96 -0.68 10.64
C ASN B 163 -39.85 -0.14 9.75
N GLU B 164 -40.21 0.37 8.57
CA GLU B 164 -39.22 1.02 7.71
C GLU B 164 -38.73 2.29 8.36
N LEU B 165 -39.64 3.07 8.93
CA LEU B 165 -39.26 4.30 9.62
C LEU B 165 -38.27 4.00 10.76
N ARG B 166 -38.55 2.95 11.54
CA ARG B 166 -37.64 2.51 12.60
C ARG B 166 -36.24 2.18 12.06
N TRP B 167 -36.19 1.32 11.03
CA TRP B 167 -34.94 0.99 10.34
C TRP B 167 -34.21 2.25 9.89
N ILE B 168 -34.95 3.19 9.34
CA ILE B 168 -34.34 4.42 8.85
C ILE B 168 -33.68 5.20 9.98
N SER B 169 -34.35 5.36 11.11
CA SER B 169 -33.70 6.10 12.19
C SER B 169 -32.55 5.28 12.79
N LYS B 170 -32.75 3.97 12.92
CA LYS B 170 -31.69 3.15 13.49
C LYS B 170 -30.38 3.16 12.70
N TYR B 171 -30.47 2.80 11.42
CA TYR B 171 -29.28 2.54 10.62
C TYR B 171 -28.90 3.68 9.68
N ILE B 172 -29.73 4.71 9.58
CA ILE B 172 -29.49 5.77 8.60
C ILE B 172 -29.51 7.18 9.22
N SER B 173 -30.69 7.65 9.58
CA SER B 173 -30.89 9.01 10.12
C SER B 173 -32.31 9.16 10.65
N ALA B 174 -32.46 9.74 11.85
CA ALA B 174 -33.79 9.97 12.41
C ALA B 174 -34.51 11.08 11.65
N GLU B 175 -33.73 12.02 11.13
CA GLU B 175 -34.27 13.12 10.36
C GLU B 175 -34.83 12.62 9.02
N ALA B 176 -34.10 11.70 8.40
CA ALA B 176 -34.51 11.10 7.14
C ALA B 176 -35.82 10.35 7.35
N ALA B 177 -35.88 9.61 8.45
CA ALA B 177 -37.10 8.92 8.85
C ALA B 177 -38.30 9.88 8.99
N GLU B 178 -38.05 11.14 9.34
CA GLU B 178 -39.16 12.08 9.48
C GLU B 178 -39.55 12.64 8.12
N LYS B 179 -38.53 13.02 7.34
CA LYS B 179 -38.76 13.60 6.01
C LYS B 179 -39.34 12.66 4.94
N VAL B 180 -39.02 11.37 4.96
CA VAL B 180 -39.51 10.46 3.93
C VAL B 180 -41.02 10.29 4.00
N LYS B 181 -41.59 10.61 5.15
CA LYS B 181 -43.03 10.47 5.35
C LYS B 181 -43.86 11.51 4.57
N THR B 182 -43.24 12.58 4.12
CA THR B 182 -43.93 13.63 3.36
C THR B 182 -43.35 13.89 1.97
N LEU B 183 -42.70 12.89 1.39
CA LEU B 183 -42.30 13.03 -0.01
C LEU B 183 -43.53 12.97 -0.90
N LYS B 184 -43.61 13.92 -1.82
CA LYS B 184 -44.64 13.87 -2.84
C LYS B 184 -44.25 12.89 -3.92
N GLN B 185 -45.24 12.53 -4.76
CA GLN B 185 -45.05 11.52 -5.80
C GLN B 185 -43.86 11.77 -6.72
N TYR B 186 -43.03 10.74 -6.89
CA TYR B 186 -41.84 10.79 -7.74
C TYR B 186 -40.73 11.66 -7.17
N HIS B 187 -40.98 12.27 -6.01
CA HIS B 187 -39.92 12.99 -5.31
C HIS B 187 -39.15 11.96 -4.50
N PHE B 188 -37.89 12.26 -4.20
CA PHE B 188 -37.10 11.33 -3.39
C PHE B 188 -36.08 12.06 -2.53
N LEU B 189 -35.74 11.41 -1.44
CA LEU B 189 -34.74 11.94 -0.52
C LEU B 189 -33.38 11.29 -0.78
N ILE B 190 -32.37 12.14 -0.92
CA ILE B 190 -30.99 11.65 -0.98
C ILE B 190 -30.30 11.81 0.37
N TYR B 191 -29.82 10.71 0.91
CA TYR B 191 -29.01 10.79 2.12
C TYR B 191 -27.55 10.50 1.82
N ASP B 192 -26.71 11.50 2.01
CA ASP B 192 -25.28 11.35 1.82
C ASP B 192 -24.63 10.78 3.09
N VAL B 193 -24.35 9.48 3.07
CA VAL B 193 -23.82 8.77 4.24
C VAL B 193 -22.50 9.35 4.72
N ASN B 194 -21.67 9.82 3.79
CA ASN B 194 -20.35 10.33 4.14
C ASN B 194 -20.42 11.70 4.78
N SER B 195 -21.26 12.58 4.24
CA SER B 195 -21.37 13.93 4.77
C SER B 195 -22.50 14.04 5.78
N GLN B 196 -23.33 13.01 5.84
CA GLN B 196 -24.51 12.97 6.72
C GLN B 196 -25.51 14.10 6.41
N THR B 197 -25.73 14.33 5.12
CA THR B 197 -26.55 15.42 4.60
C THR B 197 -27.83 14.88 3.96
N ILE B 198 -28.93 15.63 4.07
CA ILE B 198 -30.18 15.28 3.40
C ILE B 198 -30.62 16.33 2.37
N LYS B 199 -30.77 15.91 1.12
CA LYS B 199 -31.34 16.73 0.07
C LYS B 199 -32.63 16.08 -0.40
N ILE B 200 -33.59 16.90 -0.83
CA ILE B 200 -34.85 16.39 -1.34
C ILE B 200 -34.94 16.74 -2.81
N HIS B 201 -35.08 15.72 -3.65
CA HIS B 201 -34.97 15.92 -5.08
C HIS B 201 -36.34 15.90 -5.77
N LYS B 202 -36.54 16.81 -6.73
CA LYS B 202 -37.78 16.87 -7.52
C LYS B 202 -37.87 15.66 -8.43
N PRO B 203 -39.09 15.33 -8.91
CA PRO B 203 -39.22 14.23 -9.86
C PRO B 203 -38.30 14.38 -11.06
N ILE B 204 -37.73 13.27 -11.52
CA ILE B 204 -36.95 13.23 -12.76
C ILE B 204 -37.88 13.49 -13.95
N LEU B 205 -37.40 14.26 -14.93
CA LEU B 205 -38.27 14.77 -16.00
C LEU B 205 -38.31 13.87 -17.25
N MET C 1 14.40 24.42 -16.86
CA MET C 1 13.35 24.88 -15.96
C MET C 1 12.02 24.16 -16.22
N ASN C 2 11.99 23.29 -17.22
CA ASN C 2 10.78 22.56 -17.60
C ASN C 2 10.94 21.41 -18.60
N PRO C 3 11.72 21.60 -19.68
CA PRO C 3 11.91 20.43 -20.56
C PRO C 3 12.74 19.34 -19.89
N ASP C 4 13.48 19.69 -18.85
CA ASP C 4 14.25 18.72 -18.07
C ASP C 4 13.51 18.23 -16.81
N ASP C 5 12.21 18.56 -16.70
CA ASP C 5 11.40 18.13 -15.56
C ASP C 5 11.01 16.66 -15.58
N ILE C 6 10.94 16.07 -14.39
CA ILE C 6 10.28 14.78 -14.22
C ILE C 6 8.81 15.04 -13.88
N VAL C 7 7.93 14.50 -14.72
CA VAL C 7 6.49 14.65 -14.55
C VAL C 7 5.83 13.29 -14.43
N VAL C 8 5.02 13.12 -13.38
CA VAL C 8 4.31 11.87 -13.14
C VAL C 8 2.79 12.05 -13.32
N LEU C 9 2.16 11.10 -13.99
CA LEU C 9 0.74 11.14 -14.26
C LEU C 9 0.08 9.96 -13.56
N VAL C 10 -0.93 10.23 -12.74
CA VAL C 10 -1.60 9.16 -11.99
C VAL C 10 -3.11 9.20 -12.16
N GLY C 11 -3.69 8.04 -12.50
CA GLY C 11 -5.13 7.95 -12.72
C GLY C 11 -5.50 6.59 -13.30
N ARG C 12 -6.61 6.04 -12.80
CA ARG C 12 -7.21 4.82 -13.37
C ARG C 12 -7.32 4.90 -14.90
N LYS C 13 -7.46 3.73 -15.52
CA LYS C 13 -7.71 3.63 -16.96
C LYS C 13 -8.92 4.50 -17.33
N LYS C 14 -8.76 5.25 -18.41
CA LYS C 14 -9.78 6.13 -18.96
C LYS C 14 -9.83 7.49 -18.28
N SER C 15 -8.96 7.73 -17.30
CA SER C 15 -8.90 9.03 -16.60
C SER C 15 -8.64 10.20 -17.55
N GLY C 16 -7.73 9.98 -18.50
CA GLY C 16 -7.32 10.99 -19.46
C GLY C 16 -5.81 11.22 -19.51
N LYS C 17 -5.04 10.25 -19.04
CA LYS C 17 -3.58 10.40 -18.96
C LYS C 17 -2.92 10.53 -20.33
N SER C 18 -3.16 9.52 -21.19
CA SER C 18 -2.60 9.52 -22.53
C SER C 18 -3.08 10.74 -23.31
N TYR C 19 -4.35 11.10 -23.11
CA TYR C 19 -4.96 12.25 -23.78
C TYR C 19 -4.19 13.53 -23.46
N LEU C 20 -3.71 13.60 -22.23
CA LEU C 20 -2.92 14.74 -21.74
C LEU C 20 -1.58 14.80 -22.47
N ILE C 21 -0.99 13.63 -22.65
CA ILE C 21 0.29 13.51 -23.32
C ILE C 21 0.10 13.93 -24.77
N LYS C 22 -0.84 13.26 -25.43
CA LYS C 22 -1.14 13.51 -26.83
C LYS C 22 -1.53 14.95 -27.11
N HIS C 23 -2.32 15.54 -26.21
CA HIS C 23 -2.90 16.86 -26.53
C HIS C 23 -2.42 18.06 -25.70
N TYR C 24 -1.70 17.81 -24.61
CA TYR C 24 -1.10 18.94 -23.92
C TYR C 24 0.44 18.97 -23.98
N PHE C 25 1.09 17.91 -23.51
CA PHE C 25 2.55 17.92 -23.44
C PHE C 25 3.23 17.91 -24.81
N ILE C 26 2.80 16.98 -25.67
CA ILE C 26 3.37 16.84 -27.01
C ILE C 26 3.24 18.09 -27.88
N PRO C 27 2.05 18.73 -27.91
CA PRO C 27 1.98 19.95 -28.69
C PRO C 27 2.88 21.08 -28.19
N VAL C 28 2.98 21.25 -26.87
CA VAL C 28 3.81 22.30 -26.31
C VAL C 28 5.30 22.01 -26.55
N LEU C 29 5.69 20.75 -26.42
CA LEU C 29 7.06 20.33 -26.70
C LEU C 29 7.48 20.72 -28.11
N LYS C 30 6.67 20.37 -29.11
CA LYS C 30 7.01 20.67 -30.50
C LYS C 30 6.98 22.17 -30.79
N ALA C 31 6.11 22.89 -30.10
CA ALA C 31 6.00 24.33 -30.29
C ALA C 31 7.25 25.07 -29.80
N HIS C 32 7.99 24.46 -28.88
CA HIS C 32 9.24 25.03 -28.41
C HIS C 32 10.42 24.32 -29.06
N LYS C 33 10.12 23.51 -30.08
CA LYS C 33 11.14 22.69 -30.74
C LYS C 33 11.92 21.81 -29.76
N ILE C 34 11.23 21.28 -28.75
CA ILE C 34 11.81 20.28 -27.86
C ILE C 34 11.57 18.90 -28.45
N SER C 35 12.63 18.12 -28.61
CA SER C 35 12.46 16.77 -29.15
C SER C 35 11.94 15.83 -28.07
N TYR C 36 11.29 14.75 -28.49
CA TYR C 36 10.90 13.70 -27.56
C TYR C 36 11.12 12.30 -28.10
N ILE C 37 11.19 11.35 -27.17
CA ILE C 37 11.21 9.91 -27.47
C ILE C 37 10.06 9.26 -26.69
N ILE C 38 9.28 8.40 -27.35
CA ILE C 38 8.16 7.72 -26.67
C ILE C 38 8.36 6.20 -26.53
N ASP C 39 8.41 5.73 -25.29
CA ASP C 39 8.47 4.30 -24.96
C ASP C 39 7.04 3.80 -24.83
N ASP C 40 6.52 3.24 -25.92
CA ASP C 40 5.12 2.84 -26.08
C ASP C 40 4.95 1.33 -25.83
N HIS C 41 3.96 0.97 -25.03
CA HIS C 41 3.75 -0.42 -24.69
C HIS C 41 2.43 -0.98 -25.23
N ASN C 42 1.60 -0.11 -25.77
CA ASN C 42 0.23 -0.48 -26.15
C ASN C 42 0.06 -0.77 -27.65
N LEU C 43 -0.30 -2.01 -27.97
CA LEU C 43 -0.63 -2.36 -29.35
C LEU C 43 -2.10 -2.08 -29.70
N LEU C 44 -2.31 -1.54 -30.91
CA LEU C 44 -3.66 -1.30 -31.41
C LEU C 44 -3.90 -2.20 -32.62
N ARG C 45 -5.03 -2.02 -33.31
CA ARG C 45 -5.37 -2.85 -34.46
C ARG C 45 -4.61 -2.45 -35.73
N GLY C 47 -1.37 -0.51 -35.39
CA GLY C 47 0.00 -0.14 -35.02
C GLY C 47 0.18 -0.02 -33.51
N SER C 48 0.78 1.09 -33.08
CA SER C 48 0.94 1.39 -31.65
C SER C 48 0.10 2.61 -31.31
N GLU C 49 -0.22 2.78 -30.03
CA GLU C 49 -1.03 3.92 -29.58
C GLU C 49 -0.44 5.26 -30.02
N TYR C 50 0.89 5.35 -30.04
CA TYR C 50 1.54 6.60 -30.37
C TYR C 50 2.13 6.67 -31.78
N SER C 51 1.96 5.60 -32.57
CA SER C 51 2.41 5.52 -33.96
C SER C 51 2.44 6.83 -34.75
N LYS C 52 1.31 7.54 -34.78
CA LYS C 52 1.20 8.76 -35.57
C LYS C 52 1.86 9.99 -34.93
N PHE C 53 2.69 9.78 -33.90
CA PHE C 53 3.27 10.88 -33.14
C PHE C 53 4.77 11.03 -33.32
N GLY C 54 5.35 10.22 -34.20
CA GLY C 54 6.77 10.28 -34.50
C GLY C 54 7.26 9.13 -35.34
N TYR C 55 8.55 9.11 -35.63
CA TYR C 55 9.17 8.08 -36.43
C TYR C 55 9.16 6.74 -35.70
N ASN C 56 8.43 5.77 -36.23
CA ASN C 56 8.32 4.45 -35.59
C ASN C 56 9.64 3.69 -35.71
N ALA C 57 10.51 3.87 -34.72
CA ALA C 57 11.88 3.37 -34.75
C ALA C 57 11.99 1.86 -34.83
N THR C 58 12.99 1.41 -35.58
CA THR C 58 13.19 -0.02 -35.82
C THR C 58 14.54 -0.52 -35.29
N SER C 59 15.45 0.41 -34.99
CA SER C 59 16.75 0.07 -34.40
C SER C 59 17.15 1.10 -33.36
N LEU C 60 18.24 0.85 -32.66
CA LEU C 60 18.70 1.78 -31.62
C LEU C 60 19.17 3.09 -32.23
N SER C 61 19.63 3.02 -33.48
CA SER C 61 20.16 4.20 -34.15
C SER C 61 19.06 5.15 -34.56
N ASP C 62 17.89 4.60 -34.85
CA ASP C 62 16.72 5.41 -35.17
C ASP C 62 16.38 6.31 -33.98
N ILE C 63 16.47 5.74 -32.77
CA ILE C 63 16.22 6.48 -31.53
C ILE C 63 17.16 7.68 -31.46
N VAL C 64 18.43 7.44 -31.73
CA VAL C 64 19.44 8.48 -31.59
C VAL C 64 19.25 9.64 -32.58
N SER C 65 18.89 9.31 -33.82
CA SER C 65 18.99 10.23 -34.95
C SER C 65 17.69 10.89 -35.38
N LYS C 66 16.56 10.21 -35.17
CA LYS C 66 15.27 10.79 -35.51
C LYS C 66 14.78 11.73 -34.39
N GLN C 67 14.41 12.94 -34.77
CA GLN C 67 14.05 14.00 -33.82
C GLN C 67 12.85 13.64 -32.92
N TYR C 68 11.77 13.21 -33.55
CA TYR C 68 10.61 12.73 -32.83
C TYR C 68 10.48 11.25 -33.10
N VAL C 69 10.52 10.45 -32.05
CA VAL C 69 10.59 9.01 -32.25
C VAL C 69 9.69 8.23 -31.29
N VAL C 70 8.98 7.26 -31.86
CA VAL C 70 8.20 6.32 -31.09
C VAL C 70 8.90 4.97 -31.13
N VAL C 71 8.97 4.29 -29.99
CA VAL C 71 9.58 2.97 -29.90
C VAL C 71 8.57 2.02 -29.27
N TYR C 72 8.15 0.98 -30.01
CA TYR C 72 7.31 -0.03 -29.39
C TYR C 72 8.15 -1.00 -28.57
N ASP C 73 7.86 -1.07 -27.27
CA ASP C 73 8.65 -1.87 -26.34
C ASP C 73 7.96 -3.21 -26.09
N ARG C 74 8.36 -4.22 -26.86
CA ARG C 74 7.75 -5.54 -26.78
C ARG C 74 8.17 -6.24 -25.49
N ALA C 75 9.47 -6.18 -25.20
CA ALA C 75 10.03 -6.87 -24.03
C ALA C 75 9.49 -6.36 -22.68
N LYS C 76 9.40 -5.03 -22.53
CA LYS C 76 8.90 -4.42 -21.30
C LYS C 76 9.70 -4.89 -20.08
N ASN C 77 11.01 -5.05 -20.25
CA ASN C 77 11.88 -5.53 -19.17
C ASN C 77 13.03 -4.57 -18.84
N ASP C 78 13.82 -4.91 -17.83
CA ASP C 78 14.91 -4.03 -17.40
C ASP C 78 16.04 -3.86 -18.44
N ASP C 79 16.33 -4.91 -19.22
CA ASP C 79 17.41 -4.85 -20.21
C ASP C 79 17.09 -3.86 -21.31
N PHE C 80 15.81 -3.79 -21.68
CA PHE C 80 15.35 -2.83 -22.67
C PHE C 80 15.50 -1.40 -22.20
N PHE C 81 15.16 -1.15 -20.93
CA PHE C 81 15.20 0.23 -20.43
C PHE C 81 16.61 0.76 -20.33
N GLU C 82 17.53 -0.12 -19.94
CA GLU C 82 18.95 0.22 -19.99
C GLU C 82 19.34 0.70 -21.40
N LYS C 83 19.08 -0.12 -22.41
CA LYS C 83 19.48 0.21 -23.79
C LYS C 83 18.81 1.49 -24.24
N LEU C 84 17.51 1.59 -24.03
CA LEU C 84 16.75 2.80 -24.33
C LEU C 84 17.35 4.05 -23.67
N TRP C 85 17.74 3.93 -22.41
CA TRP C 85 18.33 5.04 -21.65
C TRP C 85 19.64 5.51 -22.27
N GLN C 86 20.47 4.55 -22.67
CA GLN C 86 21.74 4.85 -23.34
C GLN C 86 21.51 5.53 -24.70
N ALA C 87 20.52 5.04 -25.44
CA ALA C 87 20.22 5.60 -26.76
C ALA C 87 19.68 7.01 -26.60
N SER C 88 18.84 7.18 -25.59
CA SER C 88 18.22 8.46 -25.31
C SER C 88 19.24 9.53 -24.92
N LYS C 89 20.21 9.17 -24.09
CA LYS C 89 21.28 10.10 -23.76
C LYS C 89 22.01 10.59 -25.02
N LEU C 90 22.40 9.65 -25.90
CA LEU C 90 23.04 10.02 -27.17
C LEU C 90 22.13 10.86 -28.09
N HIS C 91 20.85 10.49 -28.18
CA HIS C 91 19.85 11.32 -28.86
C HIS C 91 19.87 12.78 -28.40
N SER C 92 20.02 13.00 -27.10
CA SER C 92 19.92 14.37 -26.59
C SER C 92 21.21 15.14 -26.86
N LYS C 93 22.34 14.42 -26.88
CA LYS C 93 23.62 15.02 -27.25
C LYS C 93 23.56 15.60 -28.68
N LYS C 94 22.69 15.04 -29.51
CA LYS C 94 22.52 15.50 -30.87
C LYS C 94 21.50 16.63 -30.95
N TYR C 95 20.37 16.42 -30.30
CA TYR C 95 19.20 17.26 -30.47
C TYR C 95 18.99 18.25 -29.34
N GLY C 96 19.86 18.21 -28.34
CA GLY C 96 19.68 19.06 -27.17
C GLY C 96 18.66 18.47 -26.21
N THR C 97 18.12 19.31 -25.33
CA THR C 97 17.16 18.85 -24.32
C THR C 97 15.99 18.05 -24.90
N THR C 98 15.81 16.85 -24.38
CA THR C 98 14.83 15.91 -24.92
C THR C 98 13.95 15.37 -23.80
N VAL C 99 12.69 15.09 -24.11
CA VAL C 99 11.79 14.48 -23.14
C VAL C 99 11.57 12.98 -23.43
N LEU C 100 11.87 12.15 -22.44
CA LEU C 100 11.55 10.72 -22.53
C LEU C 100 10.15 10.48 -21.91
N ILE C 101 9.26 9.91 -22.71
CA ILE C 101 7.89 9.69 -22.34
C ILE C 101 7.60 8.20 -22.20
N ILE C 102 7.30 7.77 -20.97
CA ILE C 102 7.05 6.37 -20.67
C ILE C 102 5.60 6.17 -20.24
N ASP C 103 4.73 5.89 -21.21
CA ASP C 103 3.32 5.64 -20.92
C ASP C 103 3.26 4.23 -20.34
N GLU C 104 2.39 4.02 -19.36
CA GLU C 104 2.42 2.81 -18.54
C GLU C 104 3.81 2.55 -17.97
N ALA C 105 4.31 3.46 -17.14
CA ALA C 105 5.65 3.36 -16.57
C ALA C 105 5.85 2.23 -15.55
N TYR C 106 4.79 1.52 -15.18
CA TYR C 106 4.91 0.46 -14.19
C TYR C 106 5.81 -0.70 -14.66
N TYR C 107 6.04 -0.76 -15.97
CA TYR C 107 6.97 -1.76 -16.51
C TYR C 107 8.42 -1.54 -16.09
N HIS C 108 8.83 -0.30 -15.93
CA HIS C 108 10.23 0.01 -15.65
C HIS C 108 10.53 0.61 -14.25
N PHE C 109 9.49 1.06 -13.55
CA PHE C 109 9.69 1.73 -12.25
C PHE C 109 8.79 1.15 -11.15
N LYS C 110 8.43 -0.12 -11.31
CA LYS C 110 7.52 -0.78 -10.39
C LYS C 110 8.00 -0.79 -8.93
N TYR C 111 7.05 -0.61 -8.03
CA TYR C 111 7.28 -0.66 -6.58
C TYR C 111 8.08 -1.90 -6.18
N LYS C 112 9.02 -1.73 -5.26
CA LYS C 112 9.85 -2.82 -4.71
C LYS C 112 10.84 -3.43 -5.71
N GLN C 113 10.71 -3.11 -7.00
CA GLN C 113 11.63 -3.66 -8.00
C GLN C 113 13.04 -3.11 -7.82
N LYS C 114 14.00 -3.77 -8.48
CA LYS C 114 15.43 -3.45 -8.37
C LYS C 114 15.85 -2.18 -9.12
N VAL C 115 16.54 -1.28 -8.41
CA VAL C 115 17.05 -0.06 -9.03
C VAL C 115 18.32 -0.24 -9.88
N THR C 116 18.15 -0.57 -11.16
CA THR C 116 19.28 -0.61 -12.10
C THR C 116 19.91 0.79 -12.20
N PRO C 117 21.21 0.87 -12.56
CA PRO C 117 21.87 2.19 -12.53
C PRO C 117 21.22 3.20 -13.46
N ALA C 118 20.60 2.70 -14.53
CA ALA C 118 19.90 3.56 -15.46
C ALA C 118 18.72 4.22 -14.75
N ILE C 119 17.98 3.41 -13.97
CA ILE C 119 16.85 3.91 -13.20
C ILE C 119 17.29 5.00 -12.23
N ASP C 120 18.40 4.77 -11.55
CA ASP C 120 18.90 5.74 -10.60
C ASP C 120 19.34 7.06 -11.25
N GLU C 121 20.00 6.94 -12.39
CA GLU C 121 20.42 8.11 -13.15
C GLU C 121 19.22 8.85 -13.77
N ALA C 122 18.22 8.08 -14.19
CA ALA C 122 16.99 8.68 -14.71
C ALA C 122 16.32 9.53 -13.64
N LEU C 123 16.28 9.03 -12.41
CA LEU C 123 15.59 9.72 -11.33
C LEU C 123 16.39 10.82 -10.62
N HIS C 124 17.71 10.79 -10.77
CA HIS C 124 18.60 11.67 -10.00
C HIS C 124 19.50 12.54 -10.88
N ALA C 125 20.13 11.92 -11.88
CA ALA C 125 21.09 12.60 -12.75
C ALA C 125 20.41 13.01 -14.04
N ASN C 126 19.13 13.30 -13.88
CA ASN C 126 18.25 13.71 -14.94
C ASN C 126 18.78 14.81 -15.86
N ARG C 127 18.93 16.00 -15.28
CA ARG C 127 19.21 17.20 -16.04
C ARG C 127 20.63 17.19 -16.58
N HIS C 128 21.51 16.47 -15.90
CA HIS C 128 22.88 16.28 -16.39
C HIS C 128 22.88 15.46 -17.68
N ALA C 129 21.92 14.55 -17.82
CA ALA C 129 21.83 13.73 -19.01
C ALA C 129 21.08 14.45 -20.14
N GLY C 130 20.51 15.62 -19.83
CA GLY C 130 19.75 16.37 -20.81
C GLY C 130 18.45 15.72 -21.22
N LEU C 131 17.86 14.96 -20.30
CA LEU C 131 16.60 14.26 -20.57
C LEU C 131 15.57 14.56 -19.49
N GLY C 132 14.43 15.11 -19.91
CA GLY C 132 13.27 15.18 -19.04
C GLY C 132 12.55 13.84 -19.06
N LEU C 133 11.55 13.69 -18.18
CA LEU C 133 10.76 12.46 -18.13
C LEU C 133 9.28 12.74 -17.96
N ILE C 134 8.44 12.00 -18.67
CA ILE C 134 7.01 11.90 -18.35
C ILE C 134 6.71 10.43 -18.07
N LEU C 135 6.29 10.14 -16.84
CA LEU C 135 5.91 8.78 -16.47
C LEU C 135 4.40 8.69 -16.16
N SER C 136 3.77 7.62 -16.61
CA SER C 136 2.33 7.45 -16.44
C SER C 136 2.04 6.16 -15.69
N THR C 137 1.06 6.19 -14.80
CA THR C 137 0.69 5.01 -14.03
C THR C 137 -0.78 5.08 -13.65
N GLN C 138 -1.40 3.91 -13.46
CA GLN C 138 -2.82 3.80 -13.16
C GLN C 138 -3.20 3.97 -11.68
N ARG C 139 -2.36 3.47 -10.78
CA ARG C 139 -2.55 3.68 -9.35
C ARG C 139 -1.25 4.21 -8.76
N VAL C 140 -1.35 5.02 -7.70
CA VAL C 140 -0.18 5.62 -7.09
C VAL C 140 0.83 4.59 -6.56
N TYR C 141 0.34 3.55 -5.89
CA TYR C 141 1.22 2.51 -5.35
C TYR C 141 1.83 1.55 -6.39
N ASP C 142 1.61 1.80 -7.69
CA ASP C 142 2.26 0.98 -8.73
C ASP C 142 3.77 1.24 -8.81
N LEU C 143 4.16 2.50 -8.58
CA LEU C 143 5.54 2.92 -8.73
C LEU C 143 6.29 3.01 -7.41
N MET C 144 7.61 2.90 -7.49
CA MET C 144 8.51 3.17 -6.37
C MET C 144 8.29 4.57 -5.83
N PRO C 145 8.21 4.72 -4.50
CA PRO C 145 7.95 6.04 -3.89
C PRO C 145 9.02 7.10 -4.21
N ILE C 146 10.24 6.70 -4.55
CA ILE C 146 11.24 7.70 -4.86
C ILE C 146 10.99 8.40 -6.20
N VAL C 147 10.15 7.78 -7.04
CA VAL C 147 9.66 8.46 -8.23
C VAL C 147 8.88 9.72 -7.84
N TYR C 148 8.09 9.63 -6.78
CA TYR C 148 7.35 10.79 -6.29
C TYR C 148 8.22 11.81 -5.56
N LYS C 149 9.21 11.32 -4.80
CA LYS C 149 10.20 12.19 -4.15
C LYS C 149 11.06 12.96 -5.17
N GLN C 150 11.47 12.27 -6.25
CA GLN C 150 12.30 12.89 -7.29
C GLN C 150 11.55 13.76 -8.32
N ALA C 151 10.23 13.61 -8.39
CA ALA C 151 9.45 14.33 -9.41
C ALA C 151 9.47 15.86 -9.24
N ASP C 152 9.22 16.60 -10.32
CA ASP C 152 9.08 18.05 -10.25
C ASP C 152 7.61 18.46 -10.27
N LEU C 153 6.81 17.74 -11.05
CA LEU C 153 5.37 17.93 -11.13
C LEU C 153 4.70 16.57 -11.05
N ILE C 154 3.71 16.43 -10.16
CA ILE C 154 2.87 15.24 -10.13
C ILE C 154 1.43 15.61 -10.51
N ILE C 155 0.88 14.92 -11.52
CA ILE C 155 -0.48 15.18 -11.99
C ILE C 155 -1.40 14.02 -11.59
N MET C 156 -2.53 14.36 -10.98
CA MET C 156 -3.44 13.37 -10.41
C MET C 156 -4.89 13.58 -10.85
N PHE C 157 -5.50 12.49 -11.32
CA PHE C 157 -6.92 12.43 -11.67
C PHE C 157 -7.67 11.80 -10.49
N TYR C 158 -8.98 11.95 -10.50
CA TYR C 158 -9.85 11.43 -9.44
C TYR C 158 -9.45 10.07 -8.83
N THR C 159 -9.56 9.97 -7.51
CA THR C 159 -9.54 8.67 -6.83
C THR C 159 -10.03 8.82 -5.39
N ARG C 160 -10.68 7.77 -4.89
CA ARG C 160 -11.05 7.68 -3.50
C ARG C 160 -10.64 6.33 -2.92
N GLU C 161 -9.79 5.61 -3.62
CA GLU C 161 -9.21 4.38 -3.08
C GLU C 161 -8.38 4.74 -1.86
N PRO C 162 -8.73 4.18 -0.70
CA PRO C 162 -8.09 4.56 0.56
C PRO C 162 -6.58 4.26 0.59
N ASN C 163 -6.14 3.15 0.01
CA ASN C 163 -4.70 2.89 -0.07
C ASN C 163 -3.97 3.98 -0.87
N GLU C 164 -4.54 4.34 -2.02
CA GLU C 164 -3.97 5.40 -2.85
C GLU C 164 -3.88 6.71 -2.10
N LEU C 165 -4.89 7.01 -1.27
CA LEU C 165 -4.98 8.29 -0.58
C LEU C 165 -3.91 8.40 0.51
N ARG C 166 -3.60 7.26 1.13
CA ARG C 166 -2.57 7.18 2.16
C ARG C 166 -1.18 7.35 1.54
N TRP C 167 -1.01 6.75 0.36
CA TRP C 167 0.22 6.91 -0.41
C TRP C 167 0.41 8.37 -0.82
N ILE C 168 -0.65 8.99 -1.33
CA ILE C 168 -0.56 10.39 -1.67
C ILE C 168 -0.18 11.22 -0.43
N SER C 169 -0.80 10.93 0.71
CA SER C 169 -0.51 11.65 1.95
C SER C 169 0.94 11.45 2.36
N LYS C 170 1.34 10.19 2.42
CA LYS C 170 2.68 9.79 2.85
C LYS C 170 3.79 10.40 1.99
N TYR C 171 3.65 10.30 0.67
CA TYR C 171 4.75 10.64 -0.23
C TYR C 171 4.59 11.90 -1.07
N ILE C 172 3.43 12.53 -1.03
CA ILE C 172 3.18 13.63 -1.96
C ILE C 172 2.73 14.92 -1.25
N SER C 173 1.54 14.87 -0.67
CA SER C 173 0.95 15.98 0.09
C SER C 173 -0.43 15.57 0.60
N ALA C 174 -0.66 15.75 1.90
CA ALA C 174 -1.94 15.38 2.51
C ALA C 174 -3.07 16.27 2.02
N GLU C 175 -2.71 17.46 1.55
CA GLU C 175 -3.68 18.37 0.96
C GLU C 175 -4.06 17.89 -0.45
N ALA C 176 -3.09 17.35 -1.18
CA ALA C 176 -3.38 16.73 -2.46
C ALA C 176 -4.35 15.57 -2.25
N ALA C 177 -4.07 14.74 -1.25
CA ALA C 177 -4.92 13.59 -0.95
C ALA C 177 -6.37 14.00 -0.72
N GLU C 178 -6.56 15.15 -0.07
CA GLU C 178 -7.90 15.68 0.15
C GLU C 178 -8.53 16.22 -1.14
N LYS C 179 -7.76 16.97 -1.92
CA LYS C 179 -8.29 17.55 -3.17
C LYS C 179 -8.60 16.53 -4.28
N VAL C 180 -7.87 15.42 -4.35
CA VAL C 180 -8.13 14.46 -5.45
C VAL C 180 -9.48 13.74 -5.33
N LYS C 181 -10.04 13.75 -4.13
CA LYS C 181 -11.30 13.05 -3.86
C LYS C 181 -12.48 13.69 -4.57
N THR C 182 -12.37 14.96 -4.95
CA THR C 182 -13.52 15.64 -5.53
C THR C 182 -13.36 16.05 -7.00
N LEU C 183 -12.32 15.56 -7.68
CA LEU C 183 -12.09 15.92 -9.07
C LEU C 183 -13.23 15.43 -9.97
N LYS C 184 -13.71 16.27 -10.87
CA LYS C 184 -14.65 15.81 -11.88
C LYS C 184 -13.90 15.19 -13.08
N GLN C 185 -14.68 14.66 -14.03
CA GLN C 185 -14.10 13.97 -15.17
C GLN C 185 -13.11 14.81 -15.98
N TYR C 186 -11.92 14.25 -16.19
CA TYR C 186 -10.85 14.90 -16.96
C TYR C 186 -10.28 16.14 -16.27
N HIS C 187 -10.78 16.46 -15.07
CA HIS C 187 -10.12 17.48 -14.27
C HIS C 187 -8.92 16.81 -13.66
N PHE C 188 -7.85 17.56 -13.46
CA PHE C 188 -6.70 17.00 -12.78
C PHE C 188 -6.05 18.01 -11.85
N LEU C 189 -5.39 17.48 -10.83
CA LEU C 189 -4.64 18.27 -9.90
C LEU C 189 -3.15 18.26 -10.30
N ILE C 190 -2.52 19.43 -10.30
CA ILE C 190 -1.08 19.54 -10.49
C ILE C 190 -0.37 19.95 -9.20
N TYR C 191 0.27 18.99 -8.53
CA TYR C 191 1.12 19.32 -7.39
C TYR C 191 2.55 19.63 -7.84
N ASP C 192 3.07 20.77 -7.38
CA ASP C 192 4.44 21.16 -7.68
C ASP C 192 5.31 20.69 -6.53
N VAL C 193 6.18 19.73 -6.80
CA VAL C 193 6.94 19.10 -5.72
C VAL C 193 7.92 20.09 -5.13
N ASN C 194 8.41 20.99 -5.98
CA ASN C 194 9.40 21.98 -5.57
C ASN C 194 8.82 23.10 -4.71
N SER C 195 7.76 23.75 -5.20
CA SER C 195 7.16 24.86 -4.47
C SER C 195 6.09 24.40 -3.48
N GLN C 196 5.70 23.13 -3.59
CA GLN C 196 4.67 22.53 -2.75
C GLN C 196 3.29 23.18 -2.90
N THR C 197 2.99 23.66 -4.11
CA THR C 197 1.71 24.28 -4.39
C THR C 197 0.77 23.31 -5.10
N ILE C 198 -0.52 23.58 -5.03
CA ILE C 198 -1.50 22.74 -5.67
C ILE C 198 -2.40 23.55 -6.57
N LYS C 199 -2.50 23.15 -7.84
CA LYS C 199 -3.47 23.74 -8.77
C LYS C 199 -4.49 22.70 -9.25
N ILE C 200 -5.74 23.13 -9.43
CA ILE C 200 -6.80 22.26 -9.91
C ILE C 200 -7.09 22.66 -11.35
N HIS C 201 -6.87 21.75 -12.28
CA HIS C 201 -6.91 22.09 -13.69
C HIS C 201 -8.18 21.60 -14.37
N LYS C 202 -8.75 22.45 -15.21
CA LYS C 202 -9.90 22.08 -16.02
C LYS C 202 -9.44 21.09 -17.09
N PRO C 203 -10.37 20.28 -17.62
CA PRO C 203 -10.03 19.35 -18.70
C PRO C 203 -9.41 20.10 -19.85
N ILE C 204 -8.35 19.58 -20.45
CA ILE C 204 -7.75 20.28 -21.59
C ILE C 204 -8.68 20.13 -22.78
N LEU C 205 -8.48 20.94 -23.81
CA LEU C 205 -9.32 20.89 -25.01
C LEU C 205 -8.97 19.71 -25.90
N MET D 1 37.87 12.81 4.40
CA MET D 1 38.38 14.17 4.49
C MET D 1 37.28 15.16 4.81
N ASN D 2 36.04 14.87 4.43
CA ASN D 2 34.94 15.80 4.64
C ASN D 2 33.98 15.34 5.73
N PRO D 3 33.45 16.27 6.49
CA PRO D 3 32.57 15.86 7.60
C PRO D 3 31.29 15.17 7.10
N ASP D 4 30.79 15.57 5.93
CA ASP D 4 29.57 14.98 5.42
C ASP D 4 29.78 14.04 4.23
N ASP D 5 30.95 13.39 4.16
CA ASP D 5 31.22 12.39 3.14
C ASP D 5 30.46 11.11 3.43
N ILE D 6 30.27 10.30 2.40
CA ILE D 6 29.86 8.92 2.55
C ILE D 6 31.10 8.03 2.43
N VAL D 7 31.43 7.31 3.50
CA VAL D 7 32.58 6.42 3.48
C VAL D 7 32.10 4.99 3.62
N VAL D 8 32.63 4.11 2.77
CA VAL D 8 32.29 2.71 2.81
C VAL D 8 33.53 1.89 3.15
N LEU D 9 33.38 0.98 4.11
CA LEU D 9 34.45 0.10 4.57
C LEU D 9 34.15 -1.35 4.18
N VAL D 10 35.04 -1.95 3.38
CA VAL D 10 34.82 -3.30 2.89
C VAL D 10 35.97 -4.24 3.25
N GLY D 11 35.67 -5.28 4.04
CA GLY D 11 36.65 -6.33 4.29
C GLY D 11 36.06 -7.49 5.08
N ARG D 12 36.53 -8.71 4.83
CA ARG D 12 36.08 -9.88 5.59
C ARG D 12 36.33 -9.69 7.09
N LYS D 13 35.58 -10.43 7.92
CA LYS D 13 35.71 -10.32 9.37
C LYS D 13 37.16 -10.46 9.87
N LYS D 14 37.51 -9.66 10.87
CA LYS D 14 38.86 -9.56 11.42
C LYS D 14 39.86 -8.84 10.49
N SER D 15 39.36 -8.12 9.49
CA SER D 15 40.20 -7.32 8.60
C SER D 15 40.79 -6.10 9.31
N GLY D 16 40.02 -5.50 10.20
CA GLY D 16 40.45 -4.31 10.90
C GLY D 16 39.53 -3.11 10.71
N LYS D 17 38.30 -3.33 10.26
CA LYS D 17 37.42 -2.19 9.97
C LYS D 17 36.70 -1.59 11.18
N SER D 18 36.35 -2.41 12.16
CA SER D 18 35.90 -1.88 13.43
C SER D 18 37.05 -1.15 14.11
N TYR D 19 38.25 -1.68 13.94
CA TYR D 19 39.47 -1.06 14.47
C TYR D 19 39.71 0.31 13.84
N LEU D 20 39.46 0.39 12.54
CA LEU D 20 39.53 1.66 11.81
C LEU D 20 38.54 2.67 12.38
N ILE D 21 37.32 2.22 12.66
CA ILE D 21 36.32 3.10 13.23
C ILE D 21 36.67 3.57 14.64
N LYS D 22 36.93 2.62 15.54
CA LYS D 22 37.24 2.96 16.93
C LYS D 22 38.52 3.78 17.06
N HIS D 23 39.53 3.46 16.26
CA HIS D 23 40.84 4.06 16.45
C HIS D 23 41.27 5.08 15.40
N TYR D 24 40.37 5.39 14.47
CA TYR D 24 40.64 6.49 13.55
C TYR D 24 39.47 7.46 13.42
N PHE D 25 38.33 6.96 12.96
CA PHE D 25 37.17 7.81 12.71
C PHE D 25 36.60 8.49 13.95
N ILE D 26 36.27 7.71 14.98
CA ILE D 26 35.68 8.27 16.19
C ILE D 26 36.55 9.32 16.90
N PRO D 27 37.85 9.04 17.11
CA PRO D 27 38.70 10.07 17.71
C PRO D 27 38.86 11.33 16.86
N VAL D 28 39.09 11.18 15.56
CA VAL D 28 39.25 12.34 14.69
C VAL D 28 37.97 13.18 14.65
N LEU D 29 36.82 12.52 14.70
CA LEU D 29 35.55 13.24 14.78
C LEU D 29 35.38 13.97 16.12
N LYS D 30 35.75 13.30 17.21
CA LYS D 30 35.69 13.90 18.53
C LYS D 30 36.55 15.15 18.58
N ALA D 31 37.81 15.00 18.16
CA ALA D 31 38.76 16.11 18.12
C ALA D 31 38.26 17.33 17.32
N HIS D 32 37.49 17.08 16.27
CA HIS D 32 36.90 18.17 15.50
C HIS D 32 35.50 18.55 15.99
N LYS D 33 35.12 18.05 17.16
CA LYS D 33 33.80 18.31 17.77
C LYS D 33 32.62 17.98 16.84
N ILE D 34 32.79 16.98 15.99
CA ILE D 34 31.72 16.50 15.13
C ILE D 34 31.00 15.35 15.82
N SER D 35 29.69 15.47 16.01
CA SER D 35 28.95 14.43 16.72
C SER D 35 28.73 13.18 15.85
N TYR D 36 28.38 12.08 16.48
CA TYR D 36 28.07 10.89 15.74
C TYR D 36 26.97 10.06 16.39
N ILE D 37 26.32 9.25 15.57
CA ILE D 37 25.31 8.31 15.99
C ILE D 37 25.77 6.96 15.45
N ILE D 38 25.99 6.00 16.35
CA ILE D 38 26.45 4.68 15.95
C ILE D 38 25.30 3.69 15.94
N ASP D 39 25.08 3.04 14.79
CA ASP D 39 24.08 1.99 14.69
C ASP D 39 24.77 0.63 14.81
N ASP D 40 24.74 0.08 16.02
CA ASP D 40 25.47 -1.14 16.35
C ASP D 40 24.68 -2.41 16.04
N SER D 48 26.88 -2.98 22.87
CA SER D 48 27.90 -3.82 23.50
C SER D 48 29.31 -3.46 23.04
N GLU D 49 29.55 -3.55 21.74
CA GLU D 49 30.88 -3.35 21.16
C GLU D 49 31.35 -1.87 21.16
N TYR D 50 30.41 -0.97 20.93
CA TYR D 50 30.73 0.46 20.91
C TYR D 50 30.09 1.18 22.10
N SER D 51 29.65 0.41 23.11
CA SER D 51 28.88 0.98 24.21
C SER D 51 29.64 2.03 24.99
N LYS D 52 30.97 1.95 24.91
CA LYS D 52 31.85 2.91 25.55
C LYS D 52 31.81 4.30 24.91
N PHE D 53 31.53 4.37 23.61
CA PHE D 53 31.66 5.63 22.85
C PHE D 53 30.44 6.54 22.86
N GLY D 54 29.46 6.29 23.74
CA GLY D 54 28.39 7.26 23.92
C GLY D 54 27.15 6.85 24.70
N TYR D 55 26.21 7.79 24.75
CA TYR D 55 24.91 7.61 25.40
C TYR D 55 24.15 6.47 24.75
N ASN D 56 23.92 5.39 25.49
CA ASN D 56 23.18 4.27 24.95
C ASN D 56 21.69 4.55 24.85
N ALA D 57 21.21 4.71 23.62
CA ALA D 57 19.84 5.13 23.39
C ALA D 57 18.85 4.01 23.66
N THR D 58 17.62 4.42 24.02
CA THR D 58 16.51 3.51 24.19
C THR D 58 15.27 4.20 23.64
N SER D 59 15.48 5.32 22.95
CA SER D 59 14.37 6.08 22.36
C SER D 59 14.83 6.82 21.11
N LEU D 60 13.91 7.06 20.18
CA LEU D 60 14.23 7.87 19.01
C LEU D 60 14.41 9.31 19.45
N SER D 61 13.81 9.62 20.60
CA SER D 61 13.96 10.93 21.20
C SER D 61 15.41 11.16 21.63
N ASP D 62 16.03 10.12 22.17
CA ASP D 62 17.42 10.15 22.61
C ASP D 62 18.42 10.41 21.49
N ILE D 63 18.20 9.77 20.33
CA ILE D 63 19.06 9.99 19.17
C ILE D 63 19.14 11.48 18.85
N VAL D 64 17.98 12.13 18.86
CA VAL D 64 17.88 13.55 18.58
C VAL D 64 18.55 14.41 19.66
N SER D 65 18.04 14.30 20.88
CA SER D 65 18.46 15.17 21.97
C SER D 65 19.92 14.99 22.42
N LYS D 66 20.40 13.76 22.47
CA LYS D 66 21.76 13.51 22.96
C LYS D 66 22.84 13.63 21.86
N GLN D 67 23.98 14.21 22.22
CA GLN D 67 25.05 14.51 21.26
C GLN D 67 25.83 13.31 20.71
N TYR D 68 26.42 12.51 21.59
CA TYR D 68 27.10 11.28 21.16
C TYR D 68 26.26 10.06 21.54
N VAL D 69 25.84 9.30 20.53
CA VAL D 69 24.80 8.31 20.72
C VAL D 69 25.26 6.97 20.19
N VAL D 70 24.85 5.91 20.87
CA VAL D 70 24.98 4.56 20.35
C VAL D 70 23.55 4.02 20.31
N VAL D 71 23.13 3.48 19.18
CA VAL D 71 21.79 2.92 19.07
C VAL D 71 21.92 1.41 19.02
N TYR D 72 21.08 0.73 19.79
CA TYR D 72 21.05 -0.73 19.80
C TYR D 72 20.05 -1.18 18.75
N ASP D 73 20.51 -2.00 17.79
CA ASP D 73 19.65 -2.38 16.69
C ASP D 73 19.42 -3.88 16.54
N ARG D 74 18.38 -4.38 17.22
CA ARG D 74 17.93 -5.76 17.07
C ARG D 74 16.55 -5.94 17.72
N ASP D 79 11.30 -1.56 9.33
CA ASP D 79 10.73 -0.23 9.22
C ASP D 79 11.61 0.78 9.94
N PHE D 80 12.70 0.29 10.50
CA PHE D 80 13.48 1.04 11.48
C PHE D 80 14.42 2.11 10.93
N PHE D 81 15.10 1.81 9.82
CA PHE D 81 16.06 2.76 9.29
C PHE D 81 15.41 4.10 8.98
N GLU D 82 14.17 4.05 8.49
CA GLU D 82 13.39 5.24 8.21
C GLU D 82 13.34 6.12 9.45
N LYS D 83 12.96 5.52 10.58
CA LYS D 83 12.86 6.25 11.83
C LYS D 83 14.25 6.70 12.30
N LEU D 84 15.25 5.83 12.17
CA LEU D 84 16.62 6.21 12.49
C LEU D 84 17.10 7.38 11.64
N TRP D 85 16.80 7.33 10.35
CA TRP D 85 17.22 8.39 9.45
C TRP D 85 16.54 9.69 9.86
N GLN D 86 15.23 9.62 10.11
CA GLN D 86 14.48 10.77 10.61
C GLN D 86 15.03 11.36 11.92
N ALA D 87 15.31 10.51 12.89
CA ALA D 87 15.90 10.99 14.14
C ALA D 87 17.25 11.64 13.88
N SER D 88 18.02 11.05 12.98
CA SER D 88 19.36 11.52 12.66
C SER D 88 19.34 12.91 12.03
N LYS D 89 18.40 13.15 11.12
CA LYS D 89 18.22 14.48 10.50
C LYS D 89 17.81 15.57 11.51
N LEU D 90 16.93 15.23 12.45
CA LEU D 90 16.58 16.16 13.52
C LEU D 90 17.79 16.45 14.40
N HIS D 91 18.45 15.37 14.83
CA HIS D 91 19.70 15.46 15.60
C HIS D 91 20.66 16.41 14.92
N SER D 92 20.80 16.28 13.61
CA SER D 92 21.76 17.11 12.90
C SER D 92 21.34 18.58 12.89
N LYS D 93 20.03 18.83 12.99
CA LYS D 93 19.58 20.21 13.07
C LYS D 93 19.98 20.77 14.42
N LYS D 94 20.02 19.90 15.42
CA LYS D 94 20.34 20.31 16.78
C LYS D 94 21.83 20.50 17.01
N TYR D 95 22.64 19.61 16.44
CA TYR D 95 24.06 19.54 16.77
C TYR D 95 24.98 19.90 15.62
N GLY D 96 24.41 20.21 14.46
CA GLY D 96 25.22 20.49 13.30
C GLY D 96 25.63 19.17 12.68
N THR D 97 26.57 19.23 11.73
CA THR D 97 27.01 18.07 10.96
C THR D 97 27.31 16.89 11.87
N THR D 98 26.75 15.74 11.52
CA THR D 98 26.84 14.55 12.35
C THR D 98 27.13 13.35 11.44
N VAL D 99 27.96 12.43 11.91
CA VAL D 99 28.20 11.23 11.12
C VAL D 99 27.37 10.05 11.63
N LEU D 100 26.68 9.40 10.70
CA LEU D 100 25.92 8.21 11.02
C LEU D 100 26.76 6.99 10.67
N ILE D 101 27.22 6.30 11.70
CA ILE D 101 28.13 5.17 11.55
C ILE D 101 27.37 3.85 11.68
N ILE D 102 27.43 3.03 10.64
CA ILE D 102 26.66 1.80 10.60
C ILE D 102 27.58 0.62 10.39
N ASP D 103 28.08 0.08 11.50
CA ASP D 103 28.93 -1.09 11.45
C ASP D 103 27.99 -2.27 11.26
N GLU D 104 28.14 -2.92 10.10
CA GLU D 104 27.22 -3.90 9.53
C GLU D 104 26.05 -3.22 8.81
N ALA D 105 26.37 -2.57 7.69
CA ALA D 105 25.38 -1.93 6.84
C ALA D 105 24.57 -2.97 6.07
N TYR D 106 24.97 -4.22 6.20
CA TYR D 106 24.36 -5.34 5.47
C TYR D 106 22.84 -5.38 5.61
N TYR D 107 22.33 -5.00 6.78
CA TYR D 107 20.91 -5.14 7.06
C TYR D 107 20.06 -4.07 6.41
N HIS D 108 20.62 -2.88 6.23
CA HIS D 108 19.86 -1.75 5.71
C HIS D 108 20.08 -1.48 4.22
N PHE D 109 21.28 -1.79 3.72
CA PHE D 109 21.62 -1.44 2.33
C PHE D 109 21.82 -2.65 1.42
N LYS D 110 21.29 -3.80 1.86
CA LYS D 110 21.45 -5.11 1.21
C LYS D 110 21.21 -5.10 -0.32
N TYR D 111 21.94 -5.95 -1.03
CA TYR D 111 21.89 -6.01 -2.50
C TYR D 111 20.51 -6.39 -3.04
N LYS D 112 20.11 -5.71 -4.12
CA LYS D 112 18.81 -5.91 -4.77
C LYS D 112 17.58 -5.55 -3.90
N GLN D 113 17.81 -5.32 -2.61
CA GLN D 113 16.79 -4.82 -1.70
C GLN D 113 16.20 -3.50 -2.22
N LYS D 114 14.95 -3.21 -1.87
CA LYS D 114 14.28 -2.01 -2.37
C LYS D 114 14.79 -0.72 -1.74
N VAL D 115 14.61 0.40 -2.44
CA VAL D 115 15.12 1.69 -1.99
C VAL D 115 14.01 2.60 -1.51
N THR D 116 13.96 2.83 -0.20
CA THR D 116 12.96 3.73 0.37
C THR D 116 13.38 5.19 0.19
N PRO D 117 12.47 6.13 0.48
CA PRO D 117 12.89 7.53 0.52
C PRO D 117 14.12 7.77 1.40
N ALA D 118 14.18 7.13 2.57
CA ALA D 118 15.29 7.35 3.51
C ALA D 118 16.62 6.90 2.91
N ILE D 119 16.70 5.63 2.49
CA ILE D 119 17.90 5.11 1.84
C ILE D 119 18.35 6.01 0.69
N ASP D 120 17.38 6.56 -0.03
CA ASP D 120 17.69 7.32 -1.24
C ASP D 120 18.22 8.69 -0.91
N GLU D 121 17.69 9.29 0.15
CA GLU D 121 18.20 10.55 0.68
C GLU D 121 19.60 10.35 1.27
N ALA D 122 19.81 9.21 1.93
CA ALA D 122 21.10 8.90 2.52
C ALA D 122 22.18 8.83 1.45
N LEU D 123 21.82 8.28 0.29
CA LEU D 123 22.79 8.09 -0.79
C LEU D 123 22.88 9.28 -1.75
N HIS D 124 21.81 10.07 -1.87
CA HIS D 124 21.80 11.15 -2.86
C HIS D 124 21.75 12.56 -2.31
N ALA D 125 21.30 12.74 -1.09
CA ALA D 125 21.20 14.09 -0.56
C ALA D 125 21.67 14.17 0.89
N ASN D 126 22.71 13.42 1.22
CA ASN D 126 23.14 13.31 2.60
C ASN D 126 23.69 14.63 3.13
N ARG D 127 24.44 15.33 2.29
CA ARG D 127 25.00 16.64 2.62
C ARG D 127 23.92 17.65 2.93
N HIS D 128 22.87 17.62 2.12
CA HIS D 128 21.76 18.53 2.32
C HIS D 128 21.08 18.26 3.67
N ALA D 129 20.96 16.98 4.02
CA ALA D 129 20.40 16.59 5.30
C ALA D 129 21.37 16.73 6.48
N GLY D 130 22.56 17.27 6.24
CA GLY D 130 23.52 17.51 7.31
C GLY D 130 24.15 16.27 7.92
N LEU D 131 24.22 15.19 7.16
CA LEU D 131 24.70 13.91 7.71
C LEU D 131 25.76 13.24 6.85
N GLY D 132 26.93 13.00 7.43
CA GLY D 132 27.92 12.13 6.82
C GLY D 132 27.54 10.70 7.15
N LEU D 133 28.15 9.74 6.48
CA LEU D 133 27.73 8.36 6.62
C LEU D 133 28.96 7.43 6.57
N ILE D 134 29.05 6.48 7.48
CA ILE D 134 30.07 5.43 7.38
C ILE D 134 29.43 4.06 7.31
N LEU D 135 29.62 3.36 6.19
CA LEU D 135 28.98 2.06 6.01
C LEU D 135 30.03 0.96 5.95
N SER D 136 29.84 -0.06 6.78
CA SER D 136 30.78 -1.17 6.88
C SER D 136 30.13 -2.47 6.45
N THR D 137 30.86 -3.27 5.67
CA THR D 137 30.36 -4.57 5.26
C THR D 137 31.52 -5.58 5.08
N GLN D 138 31.18 -6.87 5.04
CA GLN D 138 32.19 -7.91 4.95
C GLN D 138 32.62 -8.20 3.53
N ARG D 139 31.66 -8.25 2.62
CA ARG D 139 31.93 -8.53 1.23
C ARG D 139 31.35 -7.41 0.38
N VAL D 140 32.05 -7.04 -0.69
CA VAL D 140 31.63 -5.94 -1.53
C VAL D 140 30.24 -6.20 -2.12
N TYR D 141 29.97 -7.45 -2.48
CA TYR D 141 28.73 -7.80 -3.14
C TYR D 141 27.52 -7.83 -2.20
N ASP D 142 27.74 -7.50 -0.93
CA ASP D 142 26.66 -7.46 0.07
C ASP D 142 25.71 -6.28 -0.09
N LEU D 143 26.23 -5.20 -0.67
CA LEU D 143 25.50 -3.94 -0.77
C LEU D 143 25.03 -3.65 -2.20
N MET D 144 23.97 -2.84 -2.32
CA MET D 144 23.51 -2.35 -3.60
C MET D 144 24.65 -1.63 -4.30
N PRO D 145 24.76 -1.80 -5.63
CA PRO D 145 25.82 -1.17 -6.42
C PRO D 145 25.77 0.36 -6.37
N ILE D 146 24.58 0.92 -6.16
CA ILE D 146 24.43 2.37 -6.06
C ILE D 146 25.19 2.95 -4.87
N VAL D 147 25.26 2.19 -3.77
CA VAL D 147 26.10 2.60 -2.63
C VAL D 147 27.48 2.99 -3.13
N TYR D 148 28.12 2.10 -3.91
CA TYR D 148 29.44 2.37 -4.49
C TYR D 148 29.52 3.58 -5.44
N LYS D 149 28.46 3.79 -6.23
CA LYS D 149 28.43 4.92 -7.13
C LYS D 149 28.25 6.23 -6.35
N GLN D 150 27.48 6.15 -5.27
CA GLN D 150 27.18 7.34 -4.50
C GLN D 150 28.19 7.64 -3.38
N ALA D 151 29.03 6.67 -3.03
CA ALA D 151 30.05 6.87 -1.99
C ALA D 151 31.05 7.96 -2.40
N ASP D 152 31.65 8.61 -1.42
CA ASP D 152 32.77 9.48 -1.69
C ASP D 152 34.14 8.77 -1.57
N LEU D 153 34.25 7.84 -0.61
CA LEU D 153 35.48 7.09 -0.35
C LEU D 153 35.17 5.60 -0.15
N ILE D 154 35.86 4.74 -0.86
CA ILE D 154 35.71 3.32 -0.61
C ILE D 154 37.01 2.77 -0.07
N ILE D 155 36.93 2.21 1.13
CA ILE D 155 38.10 1.64 1.79
C ILE D 155 38.04 0.11 1.79
N MET D 156 39.00 -0.52 1.15
CA MET D 156 38.98 -1.97 1.01
C MET D 156 40.19 -2.62 1.66
N PHE D 157 39.95 -3.71 2.39
CA PHE D 157 41.03 -4.53 2.92
C PHE D 157 41.30 -5.69 1.93
N TYR D 158 42.35 -6.46 2.22
CA TYR D 158 42.76 -7.60 1.40
C TYR D 158 41.62 -8.52 0.96
N THR D 159 41.67 -8.93 -0.30
CA THR D 159 40.76 -9.94 -0.81
C THR D 159 41.26 -10.52 -2.14
N ARG D 160 40.92 -11.78 -2.41
CA ARG D 160 41.16 -12.36 -3.72
C ARG D 160 39.96 -13.14 -4.21
N GLU D 161 38.96 -13.26 -3.34
CA GLU D 161 37.67 -13.83 -3.67
C GLU D 161 37.25 -13.34 -5.05
N PRO D 162 37.25 -14.24 -6.04
CA PRO D 162 36.97 -13.90 -7.44
C PRO D 162 35.66 -13.13 -7.62
N ASN D 163 34.64 -13.47 -6.84
CA ASN D 163 33.39 -12.69 -6.82
C ASN D 163 33.66 -11.22 -6.53
N GLU D 164 34.32 -10.96 -5.40
CA GLU D 164 34.62 -9.62 -4.96
C GLU D 164 35.42 -8.87 -6.00
N LEU D 165 36.51 -9.49 -6.47
CA LEU D 165 37.38 -8.91 -7.48
C LEU D 165 36.61 -8.39 -8.70
N ARG D 166 35.63 -9.18 -9.14
CA ARG D 166 34.79 -8.82 -10.28
C ARG D 166 33.90 -7.63 -9.95
N TRP D 167 33.32 -7.64 -8.76
CA TRP D 167 32.49 -6.52 -8.31
C TRP D 167 33.27 -5.21 -8.25
N ILE D 168 34.53 -5.28 -7.85
CA ILE D 168 35.37 -4.09 -7.74
C ILE D 168 35.66 -3.54 -9.13
N SER D 169 35.79 -4.45 -10.10
CA SER D 169 36.07 -4.04 -11.47
C SER D 169 34.89 -3.29 -12.06
N LYS D 170 33.72 -3.93 -12.02
CA LYS D 170 32.52 -3.33 -12.57
C LYS D 170 32.20 -1.99 -11.92
N TYR D 171 32.04 -2.00 -10.60
CA TYR D 171 31.43 -0.87 -9.89
C TYR D 171 32.39 0.09 -9.22
N ILE D 172 33.66 -0.29 -9.11
CA ILE D 172 34.61 0.56 -8.40
C ILE D 172 35.75 0.98 -9.31
N SER D 173 36.75 0.11 -9.45
CA SER D 173 37.93 0.41 -10.26
C SER D 173 38.65 -0.86 -10.62
N ALA D 174 39.00 -0.99 -11.90
CA ALA D 174 39.70 -2.17 -12.40
C ALA D 174 41.12 -2.21 -11.86
N GLU D 175 41.73 -1.03 -11.75
CA GLU D 175 43.04 -0.87 -11.15
C GLU D 175 43.00 -1.24 -9.67
N ALA D 176 41.87 -0.95 -9.03
CA ALA D 176 41.70 -1.21 -7.61
C ALA D 176 41.59 -2.69 -7.35
N ALA D 177 40.79 -3.37 -8.17
CA ALA D 177 40.59 -4.81 -8.01
C ALA D 177 41.92 -5.56 -8.04
N GLU D 178 42.85 -5.05 -8.83
CA GLU D 178 44.18 -5.65 -8.94
C GLU D 178 44.99 -5.41 -7.67
N LYS D 179 45.00 -4.17 -7.20
CA LYS D 179 45.85 -3.81 -6.07
C LYS D 179 45.35 -4.37 -4.74
N VAL D 180 44.06 -4.71 -4.68
CA VAL D 180 43.50 -5.19 -3.42
C VAL D 180 43.99 -6.61 -3.17
N LYS D 181 44.49 -7.25 -4.23
CA LYS D 181 44.99 -8.62 -4.15
C LYS D 181 46.30 -8.68 -3.37
N THR D 182 47.03 -7.57 -3.34
CA THR D 182 48.38 -7.53 -2.78
C THR D 182 48.50 -6.63 -1.55
N LEU D 183 47.45 -6.57 -0.73
CA LEU D 183 47.49 -5.75 0.47
C LEU D 183 48.04 -6.55 1.64
N LYS D 184 48.97 -5.95 2.38
CA LYS D 184 49.50 -6.59 3.57
C LYS D 184 48.44 -6.51 4.65
N GLN D 185 48.67 -7.19 5.76
CA GLN D 185 47.68 -7.23 6.83
C GLN D 185 47.48 -5.84 7.43
N TYR D 186 46.22 -5.51 7.69
CA TYR D 186 45.82 -4.21 8.24
C TYR D 186 46.14 -3.01 7.35
N HIS D 187 46.75 -3.24 6.20
CA HIS D 187 46.88 -2.19 5.20
C HIS D 187 45.54 -2.07 4.47
N PHE D 188 45.22 -0.90 3.97
CA PHE D 188 43.96 -0.73 3.25
C PHE D 188 44.06 0.25 2.10
N LEU D 189 43.26 -0.01 1.09
CA LEU D 189 43.24 0.79 -0.12
C LEU D 189 42.12 1.82 0.01
N ILE D 190 42.46 3.07 -0.22
CA ILE D 190 41.45 4.12 -0.20
C ILE D 190 41.21 4.54 -1.62
N TYR D 191 39.98 4.32 -2.07
CA TYR D 191 39.60 4.72 -3.40
C TYR D 191 38.72 5.95 -3.34
N ASP D 192 39.17 7.02 -3.97
CA ASP D 192 38.42 8.25 -3.99
C ASP D 192 37.45 8.20 -5.17
N VAL D 193 36.16 8.17 -4.87
CA VAL D 193 35.16 7.97 -5.91
C VAL D 193 35.05 9.22 -6.80
N ASN D 194 35.34 10.38 -6.23
CA ASN D 194 35.23 11.59 -7.03
C ASN D 194 36.40 11.83 -7.98
N SER D 195 37.63 11.75 -7.45
CA SER D 195 38.81 12.01 -8.25
C SER D 195 39.31 10.75 -8.95
N GLN D 196 38.75 9.60 -8.56
CA GLN D 196 39.16 8.29 -9.08
C GLN D 196 40.60 7.88 -8.73
N THR D 197 41.19 8.53 -7.75
CA THR D 197 42.54 8.21 -7.32
C THR D 197 42.58 7.10 -6.26
N ILE D 198 43.71 6.41 -6.19
CA ILE D 198 43.93 5.31 -5.24
C ILE D 198 45.16 5.57 -4.37
N LYS D 199 45.02 5.39 -3.06
CA LYS D 199 46.16 5.46 -2.15
C LYS D 199 46.22 4.21 -1.29
N ILE D 200 47.41 3.64 -1.13
CA ILE D 200 47.54 2.50 -0.21
C ILE D 200 47.95 2.98 1.18
N HIS D 201 47.17 2.61 2.18
CA HIS D 201 47.36 3.16 3.52
C HIS D 201 47.98 2.12 4.43
N LYS D 202 48.94 2.54 5.24
CA LYS D 202 49.58 1.67 6.22
C LYS D 202 48.61 1.48 7.38
N PRO D 203 48.85 0.48 8.25
CA PRO D 203 47.90 0.23 9.34
C PRO D 203 47.83 1.40 10.31
N ILE D 204 46.73 1.54 11.03
CA ILE D 204 46.58 2.62 11.99
C ILE D 204 47.03 2.17 13.36
N LEU D 205 47.41 3.14 14.19
CA LEU D 205 47.85 2.84 15.55
C LEU D 205 47.14 3.75 16.56
#